data_5IDZ
#
_entry.id   5IDZ
#
_cell.length_a   68.100
_cell.length_b   108.740
_cell.length_c   116.460
_cell.angle_alpha   90.000
_cell.angle_beta   90.000
_cell.angle_gamma   90.000
#
_symmetry.space_group_name_H-M   'P 21 21 21'
#
loop_
_entity.id
_entity.type
_entity.pdbx_description
1 polymer Gamma-enolase
2 non-polymer 'MAGNESIUM ION'
3 non-polymer '[(3S)-1-hydroxy-2-oxopiperidin-3-yl]phosphonic acid'
4 non-polymer 'TRIETHYLENE GLYCOL'
5 water water
#
_entity_poly.entity_id   1
_entity_poly.type   'polypeptide(L)'
_entity_poly.pdbx_seq_one_letter_code
;MSIEKIWAREILDSRGNPTVEVDLYTAKGLFRAAVPSGASTGIYEALELRDGDKQRYLGKGVLKAVDHINSTIAPALISS
GLSVVEQEKLDNLMLELDGTENKSKFGANAILGVSLAVCKAGAAERELPLYRHIAQLAGNSDLILPVPAFNVINGGSHAG
NKLAMQEFMILPVGAESFRDAMRLGAEVYHTLKGVIKDKYGKDATNVGDEGGFAPNILENSEALELVKEAIDKAGYTEKI
VIGMDVAASEFYRDGKYDLDFKSPTDPSRYITGDQLGALYQDFVRDYPVVSIEDPFDQDDWAAWSKFTANVGIQIVGDDL
TVTNPKRIERAVEEKACNCLLLKVNQIGSVTEAIQACKLAQENGWGVMVSHRSGETEDTFIADLVVGLCTGQIKTGAPCR
SERLAKYNQLMRIEEELGDEARFAGHNFRNPSVLHHHHHH
;
_entity_poly.pdbx_strand_id   A,B
#
loop_
_chem_comp.id
_chem_comp.type
_chem_comp.name
_chem_comp.formula
6BM non-polymer '[(3S)-1-hydroxy-2-oxopiperidin-3-yl]phosphonic acid' 'C5 H10 N O5 P'
MG non-polymer 'MAGNESIUM ION' 'Mg 2'
PGE non-polymer 'TRIETHYLENE GLYCOL' 'C6 H14 O4'
#
# COMPACT_ATOMS: atom_id res chain seq x y z
N MET A 1 34.59 -5.90 -13.01
CA MET A 1 33.14 -5.89 -13.11
C MET A 1 32.48 -5.62 -11.76
N SER A 2 31.44 -4.78 -11.78
CA SER A 2 30.62 -4.56 -10.60
C SER A 2 29.19 -5.01 -10.89
N ILE A 3 28.70 -4.67 -12.08
CA ILE A 3 27.34 -4.99 -12.48
C ILE A 3 27.28 -6.28 -13.29
N GLU A 4 26.63 -7.29 -12.73
CA GLU A 4 26.48 -8.58 -13.40
C GLU A 4 25.29 -8.58 -14.34
N LYS A 5 24.16 -8.09 -13.84
CA LYS A 5 22.94 -8.04 -14.64
C LYS A 5 22.04 -6.86 -14.24
N ILE A 6 21.46 -6.22 -15.24
CA ILE A 6 20.41 -5.23 -15.01
C ILE A 6 19.17 -5.65 -15.78
N TRP A 7 18.12 -6.00 -15.06
CA TRP A 7 16.89 -6.47 -15.67
C TRP A 7 15.69 -5.66 -15.20
N ALA A 8 14.85 -5.25 -16.15
CA ALA A 8 13.68 -4.45 -15.83
C ALA A 8 12.39 -5.19 -16.17
N ARG A 9 11.35 -4.91 -15.40
CA ARG A 9 10.04 -5.51 -15.65
C ARG A 9 8.93 -4.50 -15.43
N GLU A 10 7.71 -4.91 -15.76
CA GLU A 10 6.54 -4.06 -15.62
C GLU A 10 5.68 -4.51 -14.45
N ILE A 11 5.61 -3.69 -13.41
CA ILE A 11 4.74 -3.98 -12.27
C ILE A 11 3.62 -2.95 -12.20
N LEU A 12 2.70 -3.13 -11.26
CA LEU A 12 1.61 -2.19 -11.08
C LEU A 12 1.81 -1.31 -9.84
N ASP A 13 1.50 -0.02 -9.97
CA ASP A 13 1.64 0.90 -8.84
C ASP A 13 0.40 0.88 -7.97
N SER A 14 0.32 1.84 -7.04
CA SER A 14 -0.78 1.91 -6.08
C SER A 14 -2.14 2.16 -6.72
N ARG A 15 -2.14 2.62 -7.96
CA ARG A 15 -3.39 2.91 -8.65
C ARG A 15 -3.79 1.79 -9.62
N GLY A 16 -2.89 0.83 -9.82
CA GLY A 16 -3.15 -0.26 -10.73
C GLY A 16 -2.63 0.00 -12.12
N ASN A 17 -1.79 1.03 -12.25
CA ASN A 17 -1.16 1.35 -13.53
C ASN A 17 0.24 0.78 -13.60
N PRO A 18 0.67 0.37 -14.81
CA PRO A 18 2.02 -0.15 -15.02
C PRO A 18 3.09 0.88 -14.64
N THR A 19 4.23 0.38 -14.16
CA THR A 19 5.37 1.25 -13.90
C THR A 19 6.65 0.43 -13.96
N VAL A 20 7.78 1.11 -13.97
CA VAL A 20 9.07 0.45 -14.15
C VAL A 20 9.65 -0.08 -12.84
N GLU A 21 10.06 -1.34 -12.87
CA GLU A 21 10.84 -1.92 -11.78
C GLU A 21 12.17 -2.42 -12.35
N VAL A 22 13.24 -2.21 -11.59
CA VAL A 22 14.57 -2.61 -12.05
C VAL A 22 15.31 -3.46 -11.03
N ASP A 23 15.74 -4.64 -11.46
CA ASP A 23 16.60 -5.48 -10.63
C ASP A 23 18.06 -5.35 -11.07
N LEU A 24 18.94 -5.03 -10.13
CA LEU A 24 20.37 -4.96 -10.42
C LEU A 24 21.12 -5.97 -9.57
N TYR A 25 21.97 -6.76 -10.23
CA TYR A 25 22.71 -7.81 -9.56
C TYR A 25 24.20 -7.51 -9.44
N THR A 26 24.73 -7.60 -8.22
CA THR A 26 26.17 -7.58 -8.01
C THR A 26 26.55 -8.80 -7.19
N ALA A 27 27.81 -8.86 -6.76
CA ALA A 27 28.28 -9.98 -5.96
C ALA A 27 27.65 -9.98 -4.57
N LYS A 28 27.12 -8.83 -4.16
CA LYS A 28 26.52 -8.69 -2.84
C LYS A 28 25.01 -8.92 -2.84
N GLY A 29 24.46 -9.26 -4.00
CA GLY A 29 23.06 -9.66 -4.07
C GLY A 29 22.18 -8.93 -5.06
N LEU A 30 20.88 -8.94 -4.77
CA LEU A 30 19.88 -8.31 -5.64
C LEU A 30 19.49 -6.95 -5.09
N PHE A 31 19.37 -5.96 -5.98
CA PHE A 31 18.96 -4.63 -5.59
C PHE A 31 17.82 -4.15 -6.47
N ARG A 32 16.68 -3.89 -5.85
CA ARG A 32 15.45 -3.62 -6.58
C ARG A 32 14.89 -2.22 -6.32
N ALA A 33 14.40 -1.58 -7.38
CA ALA A 33 13.81 -0.26 -7.28
C ALA A 33 12.64 -0.12 -8.24
N ALA A 34 11.67 0.72 -7.87
CA ALA A 34 10.52 0.98 -8.72
C ALA A 34 10.25 2.48 -8.82
N VAL A 35 9.62 2.89 -9.91
CA VAL A 35 9.43 4.31 -10.21
C VAL A 35 8.01 4.79 -9.93
N PRO A 36 7.88 5.87 -9.15
CA PRO A 36 6.58 6.49 -8.88
C PRO A 36 6.07 7.30 -10.07
N SER A 37 4.78 7.63 -10.07
CA SER A 37 4.19 8.35 -11.18
C SER A 37 3.18 9.40 -10.73
N GLY A 38 3.34 10.63 -11.22
CA GLY A 38 2.41 11.70 -10.90
C GLY A 38 1.07 11.53 -11.57
N ALA A 39 0.10 12.34 -11.16
CA ALA A 39 -1.25 12.26 -11.72
C ALA A 39 -1.34 13.05 -13.02
N SER A 40 -0.92 14.31 -12.98
CA SER A 40 -0.89 15.14 -14.17
C SER A 40 0.48 15.04 -14.84
N THR A 41 0.55 15.46 -16.10
CA THR A 41 1.81 15.46 -16.83
C THR A 41 2.35 16.87 -16.96
N GLY A 42 3.33 17.22 -16.13
CA GLY A 42 3.93 18.53 -16.16
C GLY A 42 4.70 18.78 -17.44
N ILE A 43 4.68 20.02 -17.91
CA ILE A 43 5.34 20.36 -19.17
C ILE A 43 6.82 20.61 -18.95
N TYR A 44 7.19 20.92 -17.71
CA TYR A 44 8.60 21.15 -17.37
C TYR A 44 9.25 19.89 -16.81
N GLU A 45 8.44 18.88 -16.50
CA GLU A 45 8.96 17.63 -15.97
C GLU A 45 9.71 16.84 -17.03
N ALA A 46 10.67 16.04 -16.60
CA ALA A 46 11.33 15.10 -17.50
C ALA A 46 10.29 14.07 -17.97
N LEU A 47 10.43 13.62 -19.21
CA LEU A 47 9.38 12.82 -19.85
C LEU A 47 9.18 11.44 -19.23
N GLU A 48 7.95 11.17 -18.82
CA GLU A 48 7.54 9.84 -18.40
C GLU A 48 7.14 9.02 -19.63
N LEU A 49 7.92 8.00 -19.95
CA LEU A 49 7.73 7.24 -21.17
C LEU A 49 6.59 6.22 -21.08
N ARG A 50 5.52 6.47 -21.82
CA ARG A 50 4.39 5.54 -21.90
C ARG A 50 4.28 4.95 -23.31
N ASP A 51 3.76 3.73 -23.39
CA ASP A 51 3.62 3.03 -24.67
C ASP A 51 2.61 3.69 -25.60
N GLY A 52 1.47 4.06 -25.04
CA GLY A 52 0.42 4.72 -25.83
C GLY A 52 -0.45 3.75 -26.60
N ASP A 53 -0.37 2.48 -26.25
CA ASP A 53 -1.20 1.45 -26.88
C ASP A 53 -2.54 1.35 -26.15
N LYS A 54 -3.58 1.88 -26.79
CA LYS A 54 -4.89 2.03 -26.15
C LYS A 54 -5.56 0.70 -25.78
N GLN A 55 -5.10 -0.39 -26.36
CA GLN A 55 -5.69 -1.70 -26.09
C GLN A 55 -5.01 -2.42 -24.93
N ARG A 56 -3.90 -1.86 -24.46
CA ARG A 56 -3.17 -2.44 -23.33
C ARG A 56 -3.00 -1.43 -22.21
N TYR A 57 -3.67 -1.71 -21.07
CA TYR A 57 -3.64 -0.82 -19.91
C TYR A 57 -4.05 0.61 -20.26
N LEU A 58 -4.92 0.75 -21.24
CA LEU A 58 -5.41 2.05 -21.69
C LEU A 58 -4.28 2.99 -22.10
N GLY A 59 -3.20 2.42 -22.63
CA GLY A 59 -2.08 3.21 -23.13
C GLY A 59 -1.02 3.50 -22.09
N LYS A 60 -1.21 3.00 -20.87
CA LYS A 60 -0.30 3.34 -19.77
C LYS A 60 0.83 2.33 -19.57
N GLY A 61 0.95 1.37 -20.49
CA GLY A 61 1.99 0.37 -20.41
C GLY A 61 3.39 0.98 -20.51
N VAL A 62 4.38 0.31 -19.95
CA VAL A 62 5.75 0.81 -19.96
C VAL A 62 6.73 -0.19 -20.59
N LEU A 63 6.25 -0.95 -21.57
CA LEU A 63 7.07 -1.96 -22.23
C LEU A 63 8.25 -1.34 -22.99
N LYS A 64 8.03 -0.18 -23.59
CA LYS A 64 9.08 0.50 -24.33
C LYS A 64 10.19 0.95 -23.39
N ALA A 65 9.81 1.43 -22.21
CA ALA A 65 10.77 1.86 -21.20
C ALA A 65 11.59 0.67 -20.71
N VAL A 66 10.90 -0.42 -20.42
CA VAL A 66 11.55 -1.65 -19.97
C VAL A 66 12.57 -2.14 -20.99
N ASP A 67 12.18 -2.09 -22.26
CA ASP A 67 13.06 -2.54 -23.35
C ASP A 67 14.29 -1.66 -23.51
N HIS A 68 14.12 -0.35 -23.37
CA HIS A 68 15.25 0.58 -23.42
C HIS A 68 16.30 0.21 -22.38
N ILE A 69 15.83 -0.19 -21.21
CA ILE A 69 16.71 -0.62 -20.13
C ILE A 69 17.41 -1.93 -20.48
N ASN A 70 16.62 -2.92 -20.88
CA ASN A 70 17.15 -4.27 -21.10
C ASN A 70 18.03 -4.41 -22.34
N SER A 71 17.75 -3.61 -23.36
CA SER A 71 18.45 -3.76 -24.64
C SER A 71 19.56 -2.73 -24.85
N THR A 72 19.43 -1.56 -24.22
CA THR A 72 20.35 -0.46 -24.48
C THR A 72 21.12 -0.01 -23.25
N ILE A 73 20.40 0.35 -22.19
CA ILE A 73 21.02 0.92 -21.00
C ILE A 73 21.83 -0.12 -20.22
N ALA A 74 21.25 -1.30 -20.02
CA ALA A 74 21.91 -2.36 -19.26
C ALA A 74 23.26 -2.80 -19.86
N PRO A 75 23.31 -3.11 -21.18
CA PRO A 75 24.62 -3.55 -21.67
C PRO A 75 25.65 -2.44 -21.70
N ALA A 76 25.19 -1.19 -21.80
CA ALA A 76 26.08 -0.05 -21.85
C ALA A 76 26.77 0.20 -20.51
N LEU A 77 26.00 0.12 -19.43
CA LEU A 77 26.54 0.35 -18.09
C LEU A 77 27.49 -0.77 -17.67
N ILE A 78 27.18 -1.99 -18.09
CA ILE A 78 28.03 -3.13 -17.81
C ILE A 78 29.33 -3.02 -18.60
N SER A 79 29.22 -2.46 -19.81
CA SER A 79 30.39 -2.27 -20.68
C SER A 79 31.35 -1.23 -20.11
N SER A 80 30.80 -0.19 -19.48
CA SER A 80 31.61 0.89 -18.93
C SER A 80 32.59 0.39 -17.87
N GLY A 81 32.17 -0.63 -17.12
CA GLY A 81 33.00 -1.20 -16.08
C GLY A 81 33.06 -0.32 -14.84
N LEU A 82 32.25 0.74 -14.83
CA LEU A 82 32.20 1.64 -13.70
C LEU A 82 31.61 0.93 -12.47
N SER A 83 32.17 1.23 -11.31
CA SER A 83 31.67 0.68 -10.06
C SER A 83 30.28 1.20 -9.74
N VAL A 84 29.52 0.43 -8.99
CA VAL A 84 28.16 0.83 -8.61
C VAL A 84 28.16 2.03 -7.67
N VAL A 85 29.31 2.33 -7.07
CA VAL A 85 29.44 3.45 -6.16
C VAL A 85 29.65 4.77 -6.91
N GLU A 86 30.02 4.67 -8.18
CA GLU A 86 30.22 5.86 -9.01
C GLU A 86 28.88 6.37 -9.53
N GLN A 87 28.02 6.77 -8.62
CA GLN A 87 26.66 7.21 -8.94
C GLN A 87 26.64 8.30 -9.99
N GLU A 88 27.48 9.32 -9.80
CA GLU A 88 27.52 10.46 -10.71
C GLU A 88 28.00 10.06 -12.09
N LYS A 89 29.07 9.26 -12.14
CA LYS A 89 29.62 8.80 -13.42
C LYS A 89 28.62 7.96 -14.20
N LEU A 90 27.92 7.07 -13.50
CA LEU A 90 26.94 6.20 -14.13
C LEU A 90 25.69 6.95 -14.57
N ASP A 91 25.24 7.89 -13.73
CA ASP A 91 24.09 8.71 -14.06
C ASP A 91 24.37 9.56 -15.29
N ASN A 92 25.53 10.20 -15.29
CA ASN A 92 25.93 11.04 -16.42
C ASN A 92 25.96 10.24 -17.72
N LEU A 93 26.48 9.02 -17.66
CA LEU A 93 26.59 8.16 -18.84
C LEU A 93 25.22 7.90 -19.47
N MET A 94 24.21 7.68 -18.64
CA MET A 94 22.86 7.47 -19.13
C MET A 94 22.30 8.73 -19.79
N LEU A 95 22.71 9.89 -19.28
CA LEU A 95 22.24 11.16 -19.80
C LEU A 95 22.80 11.45 -21.19
N GLU A 96 24.08 11.20 -21.39
CA GLU A 96 24.68 11.35 -22.72
C GLU A 96 24.08 10.32 -23.68
N LEU A 97 23.85 9.12 -23.16
CA LEU A 97 23.25 8.05 -23.95
C LEU A 97 21.85 8.44 -24.42
N ASP A 98 21.15 9.20 -23.59
CA ASP A 98 19.82 9.69 -23.93
C ASP A 98 19.90 10.94 -24.80
N GLY A 99 20.95 11.74 -24.61
CA GLY A 99 21.19 12.89 -25.45
C GLY A 99 20.22 14.06 -25.34
N THR A 100 18.95 13.74 -25.11
CA THR A 100 17.92 14.79 -25.05
C THR A 100 17.90 15.49 -23.69
N GLU A 101 17.18 16.60 -23.62
CA GLU A 101 17.15 17.42 -22.41
C GLU A 101 16.19 16.88 -21.36
N ASN A 102 14.96 16.58 -21.80
CA ASN A 102 13.92 16.08 -20.91
CA ASN A 102 13.94 16.08 -20.88
C ASN A 102 13.89 14.55 -20.85
N LYS A 103 14.96 13.92 -21.32
CA LYS A 103 15.08 12.46 -21.35
C LYS A 103 13.96 11.80 -22.14
N SER A 104 13.75 12.26 -23.38
CA SER A 104 12.62 11.79 -24.16
C SER A 104 12.89 10.50 -24.95
N LYS A 105 14.16 10.14 -25.10
CA LYS A 105 14.49 8.93 -25.84
C LYS A 105 14.26 7.67 -25.01
N PHE A 106 14.90 7.60 -23.85
CA PHE A 106 14.77 6.43 -22.97
C PHE A 106 13.61 6.60 -22.01
N GLY A 107 13.26 7.84 -21.68
CA GLY A 107 12.24 8.11 -20.70
C GLY A 107 12.87 8.34 -19.34
N ALA A 108 12.30 9.26 -18.57
CA ALA A 108 12.81 9.56 -17.23
C ALA A 108 12.58 8.38 -16.29
N ASN A 109 11.48 7.67 -16.51
CA ASN A 109 11.14 6.51 -15.68
C ASN A 109 12.11 5.35 -15.90
N ALA A 110 12.62 5.22 -17.12
CA ALA A 110 13.60 4.18 -17.42
C ALA A 110 14.95 4.54 -16.83
N ILE A 111 15.33 5.81 -16.94
CA ILE A 111 16.61 6.28 -16.44
C ILE A 111 16.64 6.31 -14.91
N LEU A 112 15.52 6.73 -14.30
CA LEU A 112 15.45 6.76 -12.84
C LEU A 112 15.46 5.36 -12.24
N GLY A 113 14.75 4.44 -12.86
CA GLY A 113 14.67 3.07 -12.39
C GLY A 113 16.04 2.44 -12.22
N VAL A 114 16.90 2.68 -13.21
CA VAL A 114 18.27 2.19 -13.15
C VAL A 114 19.07 2.98 -12.11
N SER A 115 18.86 4.30 -12.09
CA SER A 115 19.55 5.18 -11.17
C SER A 115 19.32 4.79 -9.71
N LEU A 116 18.07 4.52 -9.36
CA LEU A 116 17.70 4.15 -8.01
C LEU A 116 18.33 2.81 -7.60
N ALA A 117 18.32 1.86 -8.52
CA ALA A 117 18.87 0.53 -8.26
C ALA A 117 20.39 0.58 -8.08
N VAL A 118 21.05 1.41 -8.89
CA VAL A 118 22.49 1.60 -8.81
C VAL A 118 22.88 2.15 -7.44
N CYS A 119 22.10 3.12 -6.96
CA CYS A 119 22.37 3.75 -5.67
C CYS A 119 22.28 2.75 -4.52
N LYS A 120 21.35 1.79 -4.65
CA LYS A 120 21.18 0.77 -3.63
C LYS A 120 22.33 -0.23 -3.67
N ALA A 121 22.74 -0.60 -4.88
CA ALA A 121 23.86 -1.51 -5.06
C ALA A 121 25.16 -0.89 -4.57
N GLY A 122 25.34 0.39 -4.88
CA GLY A 122 26.52 1.12 -4.46
C GLY A 122 26.63 1.24 -2.96
N ALA A 123 25.47 1.28 -2.30
CA ALA A 123 25.44 1.40 -0.83
C ALA A 123 25.98 0.14 -0.16
N ALA A 124 25.64 -1.01 -0.73
CA ALA A 124 26.13 -2.28 -0.21
C ALA A 124 27.61 -2.44 -0.47
N GLU A 125 28.08 -1.87 -1.59
CA GLU A 125 29.49 -1.91 -1.94
C GLU A 125 30.31 -1.05 -0.98
N ARG A 126 29.71 0.03 -0.50
CA ARG A 126 30.34 0.88 0.52
C ARG A 126 30.13 0.28 1.90
N GLU A 127 29.31 -0.77 1.96
CA GLU A 127 28.92 -1.41 3.22
C GLU A 127 28.33 -0.37 4.17
N LEU A 128 27.46 0.47 3.62
CA LEU A 128 26.72 1.47 4.39
C LEU A 128 25.22 1.26 4.18
N PRO A 129 24.42 1.61 5.19
CA PRO A 129 22.97 1.67 4.95
C PRO A 129 22.66 2.73 3.91
N LEU A 130 21.55 2.59 3.20
CA LEU A 130 21.26 3.43 2.04
C LEU A 130 21.27 4.93 2.35
N TYR A 131 20.72 5.32 3.49
CA TYR A 131 20.67 6.73 3.87
C TYR A 131 22.05 7.31 4.13
N ARG A 132 22.97 6.47 4.60
CA ARG A 132 24.34 6.92 4.86
C ARG A 132 25.09 7.12 3.55
N HIS A 133 24.87 6.22 2.60
CA HIS A 133 25.49 6.32 1.28
C HIS A 133 25.03 7.58 0.56
N ILE A 134 23.71 7.81 0.61
CA ILE A 134 23.12 9.02 0.04
C ILE A 134 23.69 10.27 0.72
N ALA A 135 23.93 10.17 2.02
CA ALA A 135 24.50 11.27 2.79
C ALA A 135 25.88 11.67 2.26
N GLN A 136 26.73 10.67 2.02
CA GLN A 136 28.07 10.92 1.53
C GLN A 136 28.06 11.46 0.09
N LEU A 137 27.10 11.02 -0.70
CA LEU A 137 26.95 11.52 -2.06
C LEU A 137 26.53 12.99 -2.08
N ALA A 138 25.88 13.42 -1.00
CA ALA A 138 25.38 14.79 -0.90
C ALA A 138 26.36 15.69 -0.16
N GLY A 139 27.26 15.07 0.62
CA GLY A 139 28.23 15.82 1.39
C GLY A 139 27.78 16.10 2.81
N ASN A 140 26.89 15.25 3.32
CA ASN A 140 26.37 15.40 4.67
C ASN A 140 27.00 14.38 5.63
N SER A 141 26.90 14.65 6.93
CA SER A 141 27.48 13.76 7.93
C SER A 141 26.59 13.61 9.16
N ASP A 142 25.80 14.64 9.46
CA ASP A 142 24.94 14.63 10.64
C ASP A 142 23.48 14.42 10.26
N LEU A 143 23.02 13.16 10.35
CA LEU A 143 21.71 12.76 9.87
C LEU A 143 20.54 13.34 10.68
N ILE A 144 19.35 13.32 10.09
CA ILE A 144 18.15 13.89 10.71
C ILE A 144 16.90 13.10 10.32
N LEU A 145 16.10 12.72 11.32
CA LEU A 145 14.78 12.17 11.06
C LEU A 145 13.80 13.30 10.78
N PRO A 146 13.03 13.18 9.69
CA PRO A 146 12.15 14.26 9.24
C PRO A 146 10.82 14.33 9.98
N VAL A 147 10.18 15.51 9.93
CA VAL A 147 8.80 15.63 10.37
C VAL A 147 7.91 15.17 9.22
N PRO A 148 7.06 14.17 9.49
CA PRO A 148 6.13 13.68 8.45
C PRO A 148 4.95 14.62 8.26
N ALA A 149 4.56 14.83 7.01
CA ALA A 149 3.38 15.62 6.70
C ALA A 149 2.29 14.73 6.10
N PHE A 150 1.35 14.31 6.94
CA PHE A 150 0.27 13.43 6.48
C PHE A 150 -0.89 14.21 5.89
N ASN A 151 -1.17 14.01 4.61
CA ASN A 151 -2.37 14.60 4.03
C ASN A 151 -3.60 13.83 4.51
N VAL A 152 -4.54 14.54 5.09
CA VAL A 152 -5.69 13.88 5.71
C VAL A 152 -7.01 14.31 5.08
N ILE A 153 -7.04 15.51 4.51
CA ILE A 153 -8.21 15.99 3.77
C ILE A 153 -7.78 16.32 2.34
N ASN A 154 -8.48 15.74 1.37
CA ASN A 154 -8.09 15.89 -0.03
C ASN A 154 -9.10 16.66 -0.87
N GLY A 155 -8.59 17.54 -1.72
CA GLY A 155 -9.41 18.26 -2.67
C GLY A 155 -8.69 18.32 -4.01
N GLY A 156 -9.06 19.28 -4.84
CA GLY A 156 -8.37 19.50 -6.09
C GLY A 156 -8.87 18.69 -7.27
N SER A 157 -8.05 18.61 -8.31
CA SER A 157 -8.42 18.04 -9.60
C SER A 157 -8.96 16.61 -9.54
N HIS A 158 -8.43 15.81 -8.64
CA HIS A 158 -8.74 14.38 -8.63
C HIS A 158 -9.52 13.93 -7.39
N ALA A 159 -10.21 14.88 -6.76
CA ALA A 159 -11.08 14.57 -5.63
C ALA A 159 -12.53 14.68 -6.05
N GLY A 160 -13.39 13.91 -5.40
CA GLY A 160 -14.80 13.86 -5.77
C GLY A 160 -15.62 15.05 -5.28
N ASN A 161 -15.06 15.79 -4.32
CA ASN A 161 -15.77 16.93 -3.74
C ASN A 161 -15.69 18.17 -4.63
N LYS A 162 -15.97 19.33 -4.04
CA LYS A 162 -15.85 20.61 -4.75
C LYS A 162 -14.65 21.39 -4.21
N LEU A 163 -14.02 20.84 -3.18
CA LEU A 163 -12.87 21.47 -2.55
C LEU A 163 -11.76 21.73 -3.56
N ALA A 164 -11.43 23.00 -3.76
CA ALA A 164 -10.51 23.41 -4.82
C ALA A 164 -9.04 23.14 -4.47
N MET A 165 -8.67 23.40 -3.23
CA MET A 165 -7.29 23.19 -2.80
C MET A 165 -7.03 21.71 -2.57
N GLN A 166 -5.85 21.25 -2.99
CA GLN A 166 -5.58 19.83 -3.16
C GLN A 166 -5.40 19.04 -1.85
N GLU A 167 -4.41 19.42 -1.05
CA GLU A 167 -4.07 18.63 0.14
C GLU A 167 -4.03 19.44 1.43
N PHE A 168 -4.62 18.89 2.49
CA PHE A 168 -4.52 19.47 3.82
C PHE A 168 -3.79 18.50 4.74
N MET A 169 -2.62 18.92 5.22
CA MET A 169 -1.71 18.01 5.93
C MET A 169 -1.55 18.34 7.42
N ILE A 170 -1.17 17.34 8.19
CA ILE A 170 -0.83 17.54 9.60
C ILE A 170 0.65 17.23 9.85
N LEU A 171 1.29 18.07 10.66
CA LEU A 171 2.71 17.91 10.96
C LEU A 171 2.97 17.85 12.46
N PRO A 172 3.24 16.64 12.98
CA PRO A 172 3.53 16.48 14.41
C PRO A 172 4.89 17.06 14.79
N VAL A 173 5.01 18.38 14.76
CA VAL A 173 6.28 19.04 15.05
C VAL A 173 6.66 18.94 16.52
N GLY A 174 5.66 18.69 17.37
CA GLY A 174 5.87 18.64 18.80
C GLY A 174 6.05 17.24 19.35
N ALA A 175 6.40 16.30 18.48
CA ALA A 175 6.60 14.91 18.89
C ALA A 175 7.97 14.72 19.51
N GLU A 176 8.11 13.69 20.33
CA GLU A 176 9.37 13.40 21.01
C GLU A 176 10.38 12.78 20.06
N SER A 177 9.88 11.99 19.12
CA SER A 177 10.72 11.33 18.12
C SER A 177 9.91 11.11 16.85
N PHE A 178 10.49 10.43 15.87
CA PHE A 178 9.74 10.13 14.66
C PHE A 178 8.68 9.07 14.93
N ARG A 179 9.04 8.05 15.70
CA ARG A 179 8.09 7.01 16.07
C ARG A 179 6.91 7.61 16.81
N ASP A 180 7.19 8.60 17.64
CA ASP A 180 6.15 9.33 18.36
C ASP A 180 5.28 10.11 17.39
N ALA A 181 5.91 10.68 16.36
CA ALA A 181 5.20 11.45 15.35
C ALA A 181 4.23 10.57 14.58
N MET A 182 4.62 9.32 14.35
CA MET A 182 3.76 8.36 13.69
C MET A 182 2.51 8.07 14.52
N ARG A 183 2.69 7.98 15.83
CA ARG A 183 1.58 7.72 16.74
C ARG A 183 0.60 8.89 16.74
N LEU A 184 1.13 10.10 16.83
CA LEU A 184 0.31 11.31 16.83
C LEU A 184 -0.49 11.43 15.54
N GLY A 185 0.19 11.22 14.40
CA GLY A 185 -0.45 11.30 13.11
C GLY A 185 -1.56 10.28 12.95
N ALA A 186 -1.30 9.05 13.39
CA ALA A 186 -2.28 7.98 13.28
C ALA A 186 -3.51 8.24 14.16
N GLU A 187 -3.28 8.68 15.39
CA GLU A 187 -4.37 8.93 16.34
C GLU A 187 -5.28 10.06 15.89
N VAL A 188 -4.68 11.14 15.39
CA VAL A 188 -5.44 12.25 14.84
C VAL A 188 -6.23 11.80 13.61
N TYR A 189 -5.61 10.94 12.80
CA TYR A 189 -6.24 10.41 11.59
C TYR A 189 -7.50 9.62 11.88
N HIS A 190 -7.43 8.73 12.87
CA HIS A 190 -8.59 7.94 13.26
C HIS A 190 -9.63 8.81 13.98
N THR A 191 -9.16 9.83 14.70
CA THR A 191 -10.06 10.80 15.32
C THR A 191 -10.80 11.60 14.25
N LEU A 192 -10.06 11.99 13.21
CA LEU A 192 -10.64 12.72 12.09
C LEU A 192 -11.68 11.89 11.36
N LYS A 193 -11.40 10.60 11.20
CA LYS A 193 -12.32 9.68 10.53
C LYS A 193 -13.67 9.66 11.24
N GLY A 194 -13.64 9.74 12.56
CA GLY A 194 -14.85 9.76 13.36
C GLY A 194 -15.60 11.07 13.25
N VAL A 195 -14.85 12.18 13.19
CA VAL A 195 -15.44 13.49 13.05
C VAL A 195 -16.17 13.61 11.70
N ILE A 196 -15.54 13.07 10.66
CA ILE A 196 -16.11 13.09 9.33
C ILE A 196 -17.34 12.18 9.24
N LYS A 197 -17.27 11.03 9.90
CA LYS A 197 -18.38 10.08 9.91
C LYS A 197 -19.60 10.67 10.60
N ASP A 198 -19.37 11.46 11.64
CA ASP A 198 -20.45 12.04 12.42
C ASP A 198 -21.07 13.26 11.72
N LYS A 199 -20.26 13.98 10.95
CA LYS A 199 -20.70 15.22 10.35
C LYS A 199 -21.15 15.04 8.89
N TYR A 200 -20.66 14.00 8.23
CA TYR A 200 -20.95 13.81 6.81
C TYR A 200 -21.55 12.45 6.47
N GLY A 201 -21.67 11.58 7.48
CA GLY A 201 -22.23 10.26 7.26
C GLY A 201 -21.16 9.19 7.10
N LYS A 202 -21.55 7.93 7.27
CA LYS A 202 -20.61 6.82 7.23
C LYS A 202 -20.03 6.58 5.84
N ASP A 203 -20.74 7.02 4.82
CA ASP A 203 -20.30 6.83 3.44
C ASP A 203 -19.39 7.95 2.97
N ALA A 204 -18.74 8.63 3.90
CA ALA A 204 -17.87 9.76 3.57
C ALA A 204 -16.45 9.55 4.09
N THR A 205 -16.14 8.33 4.50
CA THR A 205 -14.83 8.05 5.09
C THR A 205 -14.00 7.07 4.27
N ASN A 206 -14.39 6.85 3.02
CA ASN A 206 -13.54 6.12 2.09
C ASN A 206 -12.38 7.02 1.68
N VAL A 207 -11.27 6.42 1.28
CA VAL A 207 -10.04 7.20 1.06
C VAL A 207 -9.71 7.42 -0.41
N GLY A 208 -8.92 8.46 -0.66
CA GLY A 208 -8.45 8.77 -2.00
C GLY A 208 -7.18 8.02 -2.34
N ASP A 209 -6.48 8.48 -3.38
CA ASP A 209 -5.27 7.82 -3.85
C ASP A 209 -4.17 7.75 -2.78
N GLU A 210 -4.15 8.72 -1.88
CA GLU A 210 -3.07 8.84 -0.91
C GLU A 210 -3.54 8.59 0.52
N GLY A 211 -4.71 8.00 0.67
CA GLY A 211 -5.20 7.57 1.96
C GLY A 211 -5.97 8.62 2.75
N GLY A 212 -6.05 9.83 2.22
CA GLY A 212 -6.78 10.89 2.87
C GLY A 212 -8.27 10.82 2.58
N PHE A 213 -9.06 11.56 3.35
CA PHE A 213 -10.50 11.59 3.15
C PHE A 213 -10.89 12.74 2.23
N ALA A 214 -11.98 12.57 1.50
CA ALA A 214 -12.48 13.62 0.62
C ALA A 214 -13.99 13.84 0.78
N PRO A 215 -14.40 14.36 1.95
CA PRO A 215 -15.82 14.63 2.15
C PRO A 215 -16.29 15.81 1.31
N ASN A 216 -17.60 15.90 1.05
CA ASN A 216 -18.13 16.95 0.20
C ASN A 216 -18.06 18.32 0.88
N ILE A 217 -16.96 19.02 0.61
CA ILE A 217 -16.71 20.35 1.17
C ILE A 217 -16.40 21.34 0.05
N LEU A 218 -16.84 22.58 0.20
CA LEU A 218 -16.48 23.62 -0.74
C LEU A 218 -15.49 24.60 -0.12
N GLU A 219 -15.76 25.01 1.11
CA GLU A 219 -14.93 26.00 1.79
C GLU A 219 -13.61 25.41 2.28
N ASN A 220 -12.50 26.02 1.85
CA ASN A 220 -11.18 25.60 2.28
C ASN A 220 -10.98 25.83 3.78
N SER A 221 -11.61 26.89 4.29
CA SER A 221 -11.56 27.19 5.71
C SER A 221 -12.23 26.07 6.52
N GLU A 222 -13.27 25.49 5.94
CA GLU A 222 -14.01 24.41 6.59
C GLU A 222 -13.13 23.16 6.71
N ALA A 223 -12.30 22.91 5.70
CA ALA A 223 -11.39 21.79 5.72
C ALA A 223 -10.36 21.95 6.83
N LEU A 224 -9.94 23.20 7.06
CA LEU A 224 -8.99 23.50 8.12
C LEU A 224 -9.65 23.35 9.49
N GLU A 225 -10.94 23.65 9.56
CA GLU A 225 -11.69 23.49 10.80
C GLU A 225 -11.78 22.02 11.22
N LEU A 226 -12.05 21.16 10.25
CA LEU A 226 -12.10 19.72 10.50
C LEU A 226 -10.78 19.22 11.06
N VAL A 227 -9.69 19.63 10.41
CA VAL A 227 -8.35 19.20 10.79
C VAL A 227 -7.99 19.67 12.20
N LYS A 228 -8.25 20.95 12.48
CA LYS A 228 -7.95 21.51 13.78
C LYS A 228 -8.82 20.86 14.87
N GLU A 229 -10.07 20.59 14.53
CA GLU A 229 -11.00 19.94 15.45
C GLU A 229 -10.51 18.55 15.83
N ALA A 230 -10.07 17.79 14.82
CA ALA A 230 -9.54 16.45 15.04
C ALA A 230 -8.29 16.50 15.91
N ILE A 231 -7.43 17.49 15.66
CA ILE A 231 -6.20 17.67 16.42
C ILE A 231 -6.48 17.94 17.88
N ASP A 232 -7.41 18.85 18.14
CA ASP A 232 -7.77 19.23 19.51
C ASP A 232 -8.48 18.09 20.22
N LYS A 233 -9.36 17.40 19.53
CA LYS A 233 -10.12 16.29 20.12
C LYS A 233 -9.21 15.10 20.41
N ALA A 234 -8.14 14.96 19.65
CA ALA A 234 -7.14 13.92 19.90
C ALA A 234 -6.23 14.35 21.06
N GLY A 235 -6.25 15.65 21.38
CA GLY A 235 -5.53 16.19 22.51
C GLY A 235 -4.09 16.58 22.24
N TYR A 236 -3.84 17.17 21.08
CA TYR A 236 -2.50 17.57 20.69
C TYR A 236 -2.47 18.98 20.10
N THR A 237 -3.31 19.86 20.62
CA THR A 237 -3.56 21.19 20.05
C THR A 237 -2.32 21.91 19.49
N GLU A 238 -1.27 22.02 20.29
CA GLU A 238 -0.06 22.70 19.80
C GLU A 238 1.17 21.80 19.74
N LYS A 239 0.93 20.50 19.53
CA LYS A 239 2.02 19.59 19.21
C LYS A 239 1.94 19.23 17.73
N ILE A 240 0.83 19.60 17.10
CA ILE A 240 0.61 19.31 15.69
C ILE A 240 0.14 20.57 14.94
N VAL A 241 0.77 20.84 13.80
CA VAL A 241 0.41 21.99 12.98
C VAL A 241 -0.03 21.56 11.58
N ILE A 242 -0.42 22.53 10.76
CA ILE A 242 -1.06 22.24 9.48
C ILE A 242 -0.21 22.68 8.28
N GLY A 243 -0.14 21.82 7.26
CA GLY A 243 0.51 22.15 6.00
C GLY A 243 -0.48 22.03 4.85
N MET A 244 -0.19 22.70 3.74
CA MET A 244 -1.12 22.72 2.61
C MET A 244 -0.44 22.59 1.24
N ASP A 245 -1.02 21.77 0.38
CA ASP A 245 -0.69 21.77 -1.04
C ASP A 245 -1.89 22.30 -1.82
N VAL A 246 -1.78 23.55 -2.26
CA VAL A 246 -2.88 24.21 -2.95
C VAL A 246 -3.01 23.71 -4.39
N ALA A 247 -1.85 23.50 -5.04
CA ALA A 247 -1.80 23.11 -6.45
C ALA A 247 -2.59 24.11 -7.29
N ALA A 248 -2.17 25.37 -7.25
CA ALA A 248 -2.94 26.47 -7.83
C ALA A 248 -2.88 26.48 -9.35
N SER A 249 -1.94 25.74 -9.93
CA SER A 249 -1.87 25.63 -11.39
C SER A 249 -3.08 24.89 -11.94
N GLU A 250 -3.76 24.16 -11.06
CA GLU A 250 -4.91 23.36 -11.46
C GLU A 250 -6.18 24.20 -11.64
N PHE A 251 -6.23 25.37 -11.03
CA PHE A 251 -7.38 26.26 -11.21
C PHE A 251 -6.97 27.66 -11.63
N TYR A 252 -5.86 27.76 -12.36
CA TYR A 252 -5.39 29.01 -12.94
C TYR A 252 -6.17 29.33 -14.21
N ARG A 253 -6.96 30.40 -14.18
CA ARG A 253 -7.85 30.73 -15.29
C ARG A 253 -7.62 32.14 -15.83
N ASP A 254 -6.90 32.22 -16.95
CA ASP A 254 -6.69 33.49 -17.66
C ASP A 254 -6.04 34.56 -16.79
N GLY A 255 -5.09 34.15 -15.94
CA GLY A 255 -4.39 35.10 -15.10
C GLY A 255 -5.00 35.24 -13.72
N LYS A 256 -6.15 34.60 -13.51
CA LYS A 256 -6.81 34.63 -12.21
C LYS A 256 -6.99 33.22 -11.67
N TYR A 257 -7.72 33.09 -10.57
CA TYR A 257 -7.83 31.81 -9.88
C TYR A 257 -9.27 31.44 -9.53
N ASP A 258 -9.65 30.20 -9.85
CA ASP A 258 -10.99 29.71 -9.66
C ASP A 258 -11.07 28.75 -8.47
N LEU A 259 -11.61 29.23 -7.35
CA LEU A 259 -11.72 28.39 -6.16
C LEU A 259 -12.98 27.52 -6.20
N ASP A 260 -13.55 27.36 -7.38
CA ASP A 260 -14.69 26.48 -7.59
C ASP A 260 -14.64 25.94 -9.02
N PHE A 261 -13.45 25.54 -9.45
CA PHE A 261 -13.21 25.15 -10.84
C PHE A 261 -13.84 23.81 -11.19
N LYS A 262 -14.42 23.13 -10.20
CA LYS A 262 -15.12 21.88 -10.45
C LYS A 262 -16.63 22.13 -10.47
N SER A 263 -17.01 23.40 -10.61
CA SER A 263 -18.38 23.80 -10.84
C SER A 263 -18.50 24.35 -12.26
N PRO A 264 -19.72 24.51 -12.78
CA PRO A 264 -19.89 25.13 -14.10
C PRO A 264 -19.17 26.48 -14.21
N THR A 265 -18.43 26.65 -15.30
CA THR A 265 -17.55 27.80 -15.48
C THR A 265 -18.28 29.14 -15.40
N ASP A 266 -18.00 29.90 -14.34
CA ASP A 266 -18.50 31.25 -14.19
C ASP A 266 -17.34 32.19 -13.89
N PRO A 267 -16.73 32.76 -14.94
CA PRO A 267 -15.51 33.57 -14.87
C PRO A 267 -15.59 34.73 -13.86
N SER A 268 -16.78 35.06 -13.41
CA SER A 268 -16.97 36.15 -12.46
C SER A 268 -16.42 35.84 -11.07
N ARG A 269 -16.40 34.55 -10.73
CA ARG A 269 -15.98 34.15 -9.39
C ARG A 269 -14.47 34.03 -9.25
N TYR A 270 -13.75 34.31 -10.34
CA TYR A 270 -12.28 34.26 -10.32
C TYR A 270 -11.74 35.34 -9.40
N ILE A 271 -10.59 35.09 -8.80
CA ILE A 271 -9.95 36.08 -7.94
C ILE A 271 -8.50 36.31 -8.38
N THR A 272 -7.97 37.48 -8.04
CA THR A 272 -6.60 37.83 -8.41
C THR A 272 -5.59 37.15 -7.50
N GLY A 273 -4.32 37.26 -7.84
CA GLY A 273 -3.25 36.72 -7.03
C GLY A 273 -3.20 37.37 -5.66
N ASP A 274 -3.38 38.69 -5.64
CA ASP A 274 -3.39 39.44 -4.39
C ASP A 274 -4.54 38.99 -3.49
N GLN A 275 -5.67 38.67 -4.10
CA GLN A 275 -6.84 38.19 -3.36
C GLN A 275 -6.56 36.82 -2.76
N LEU A 276 -5.90 35.96 -3.53
CA LEU A 276 -5.59 34.61 -3.09
C LEU A 276 -4.60 34.66 -1.93
N GLY A 277 -3.67 35.61 -1.99
CA GLY A 277 -2.69 35.79 -0.93
C GLY A 277 -3.34 36.22 0.36
N ALA A 278 -4.27 37.17 0.27
CA ALA A 278 -4.98 37.66 1.45
C ALA A 278 -5.81 36.54 2.09
N LEU A 279 -6.29 35.61 1.27
CA LEU A 279 -6.99 34.45 1.78
C LEU A 279 -6.06 33.57 2.60
N TYR A 280 -4.84 33.37 2.09
CA TYR A 280 -3.81 32.62 2.80
C TYR A 280 -3.46 33.29 4.12
N GLN A 281 -3.33 34.62 4.08
CA GLN A 281 -3.05 35.41 5.27
C GLN A 281 -4.04 35.12 6.38
N ASP A 282 -5.32 35.04 6.00
CA ASP A 282 -6.40 34.76 6.95
C ASP A 282 -6.25 33.35 7.52
N PHE A 283 -5.84 32.41 6.68
CA PHE A 283 -5.65 31.03 7.13
C PHE A 283 -4.54 30.94 8.17
N VAL A 284 -3.41 31.58 7.87
CA VAL A 284 -2.27 31.62 8.80
C VAL A 284 -2.67 32.27 10.12
N ARG A 285 -3.57 33.24 10.03
CA ARG A 285 -4.05 33.96 11.22
C ARG A 285 -4.99 33.10 12.06
N ASP A 286 -5.89 32.38 11.41
CA ASP A 286 -6.95 31.66 12.11
C ASP A 286 -6.59 30.20 12.40
N TYR A 287 -5.57 29.68 11.72
CA TYR A 287 -5.21 28.27 11.85
C TYR A 287 -3.70 28.10 11.94
N PRO A 288 -3.25 27.03 12.60
CA PRO A 288 -1.81 26.77 12.73
C PRO A 288 -1.15 26.32 11.42
N VAL A 289 -1.44 27.03 10.33
CA VAL A 289 -0.82 26.74 9.05
C VAL A 289 0.61 27.27 9.01
N VAL A 290 1.56 26.37 8.76
CA VAL A 290 2.98 26.74 8.82
C VAL A 290 3.67 26.56 7.48
N SER A 291 2.98 25.97 6.51
CA SER A 291 3.57 25.70 5.21
C SER A 291 2.51 25.66 4.11
N ILE A 292 2.79 26.34 3.00
CA ILE A 292 1.88 26.31 1.86
C ILE A 292 2.64 26.01 0.57
N GLU A 293 2.22 24.95 -0.11
CA GLU A 293 2.85 24.50 -1.35
C GLU A 293 2.03 24.90 -2.57
N ASP A 294 2.72 25.36 -3.61
CA ASP A 294 2.08 25.86 -4.83
C ASP A 294 0.93 26.82 -4.57
N PRO A 295 1.18 27.95 -3.87
CA PRO A 295 0.09 28.88 -3.61
C PRO A 295 -0.36 29.62 -4.89
N PHE A 296 0.49 29.62 -5.91
CA PHE A 296 0.15 30.26 -7.17
C PHE A 296 0.59 29.41 -8.36
N ASP A 297 0.26 29.87 -9.56
CA ASP A 297 0.55 29.13 -10.79
C ASP A 297 2.05 28.98 -11.02
N GLN A 298 2.43 27.95 -11.77
CA GLN A 298 3.83 27.64 -12.05
C GLN A 298 4.54 28.70 -12.88
N ASP A 299 3.78 29.62 -13.45
CA ASP A 299 4.37 30.70 -14.26
C ASP A 299 3.99 32.08 -13.74
N ASP A 300 3.25 32.11 -12.63
CA ASP A 300 2.87 33.37 -12.01
C ASP A 300 3.95 33.83 -11.03
N TRP A 301 5.14 34.10 -11.58
CA TRP A 301 6.32 34.40 -10.77
C TRP A 301 6.16 35.66 -9.90
N ALA A 302 5.41 36.64 -10.39
CA ALA A 302 5.22 37.89 -9.67
C ALA A 302 4.45 37.66 -8.38
N ALA A 303 3.46 36.77 -8.43
CA ALA A 303 2.64 36.48 -7.26
C ALA A 303 3.42 35.73 -6.19
N TRP A 304 4.21 34.75 -6.62
CA TRP A 304 5.06 33.99 -5.72
C TRP A 304 6.01 34.89 -4.94
N SER A 305 6.76 35.71 -5.68
CA SER A 305 7.75 36.60 -5.08
C SER A 305 7.11 37.61 -4.14
N LYS A 306 5.97 38.15 -4.53
CA LYS A 306 5.27 39.15 -3.74
C LYS A 306 4.77 38.56 -2.43
N PHE A 307 4.30 37.32 -2.49
CA PHE A 307 3.75 36.65 -1.31
C PHE A 307 4.85 36.23 -0.34
N THR A 308 5.91 35.63 -0.88
CA THR A 308 7.03 35.15 -0.07
C THR A 308 7.66 36.27 0.75
N ALA A 309 7.77 37.44 0.15
CA ALA A 309 8.42 38.58 0.79
C ALA A 309 7.58 39.18 1.93
N ASN A 310 6.33 38.74 2.04
CA ASN A 310 5.42 39.34 3.01
C ASN A 310 4.79 38.36 4.00
N VAL A 311 5.24 37.11 3.98
CA VAL A 311 4.80 36.14 4.98
C VAL A 311 5.99 35.42 5.60
N GLY A 312 5.82 34.91 6.81
CA GLY A 312 6.90 34.29 7.53
C GLY A 312 6.83 32.77 7.60
N ILE A 313 5.89 32.19 6.87
CA ILE A 313 5.75 30.74 6.84
C ILE A 313 6.56 30.14 5.70
N GLN A 314 6.48 28.83 5.56
CA GLN A 314 7.20 28.12 4.51
C GLN A 314 6.42 28.11 3.19
N ILE A 315 7.06 28.58 2.13
CA ILE A 315 6.46 28.56 0.80
C ILE A 315 7.17 27.51 -0.05
N VAL A 316 6.43 26.49 -0.46
CA VAL A 316 7.02 25.34 -1.15
C VAL A 316 6.72 25.33 -2.64
N GLY A 317 7.77 25.26 -3.45
CA GLY A 317 7.63 25.14 -4.88
C GLY A 317 7.54 23.69 -5.33
N ASP A 318 6.52 23.37 -6.10
CA ASP A 318 6.34 22.02 -6.64
C ASP A 318 6.31 22.09 -8.16
N ASP A 319 5.14 22.47 -8.71
CA ASP A 319 5.00 22.64 -10.16
C ASP A 319 5.84 23.81 -10.66
N LEU A 320 6.19 24.71 -9.73
CA LEU A 320 7.01 25.87 -10.07
C LEU A 320 8.44 25.47 -10.40
N THR A 321 9.00 24.58 -9.59
CA THR A 321 10.41 24.22 -9.70
C THR A 321 10.64 22.86 -10.37
N VAL A 322 9.61 22.02 -10.31
CA VAL A 322 9.63 20.62 -10.78
C VAL A 322 10.99 19.91 -10.65
N THR A 323 11.66 20.14 -9.54
CA THR A 323 12.95 19.51 -9.23
C THR A 323 13.95 19.77 -10.37
N ASN A 324 13.84 20.93 -10.98
CA ASN A 324 14.69 21.31 -12.10
C ASN A 324 15.64 22.44 -11.71
N PRO A 325 16.96 22.14 -11.69
CA PRO A 325 18.00 23.06 -11.26
C PRO A 325 17.93 24.42 -11.96
N LYS A 326 17.48 24.44 -13.22
CA LYS A 326 17.31 25.67 -13.96
C LYS A 326 16.16 26.50 -13.38
N ARG A 327 15.02 25.86 -13.17
CA ARG A 327 13.86 26.54 -12.61
C ARG A 327 14.13 26.99 -11.17
N ILE A 328 14.92 26.19 -10.45
CA ILE A 328 15.27 26.51 -9.08
C ILE A 328 16.17 27.74 -9.02
N GLU A 329 17.15 27.80 -9.92
CA GLU A 329 18.06 28.94 -10.01
C GLU A 329 17.29 30.23 -10.24
N ARG A 330 16.28 30.17 -11.10
CA ARG A 330 15.43 31.33 -11.37
C ARG A 330 14.61 31.71 -10.15
N ALA A 331 14.11 30.70 -9.43
CA ALA A 331 13.28 30.93 -8.26
C ALA A 331 14.10 31.52 -7.12
N VAL A 332 15.38 31.16 -7.04
CA VAL A 332 16.28 31.75 -6.07
C VAL A 332 16.51 33.22 -6.43
N GLU A 333 16.71 33.49 -7.71
CA GLU A 333 16.93 34.83 -8.22
C GLU A 333 15.78 35.77 -7.88
N GLU A 334 14.56 35.31 -8.10
CA GLU A 334 13.38 36.15 -7.91
C GLU A 334 12.78 36.02 -6.51
N LYS A 335 13.38 35.17 -5.68
CA LYS A 335 12.89 34.89 -4.33
C LYS A 335 11.42 34.48 -4.35
N ALA A 336 11.08 33.56 -5.25
CA ALA A 336 9.69 33.15 -5.44
C ALA A 336 9.17 32.32 -4.28
N CYS A 337 10.04 31.47 -3.73
CA CYS A 337 9.68 30.63 -2.60
C CYS A 337 10.88 30.44 -1.67
N ASN A 338 10.74 29.57 -0.68
CA ASN A 338 11.83 29.29 0.24
C ASN A 338 11.93 27.81 0.59
N CYS A 339 11.28 26.97 -0.20
CA CYS A 339 11.33 25.53 0.00
C CYS A 339 11.15 24.78 -1.30
N LEU A 340 12.01 23.78 -1.53
CA LEU A 340 11.92 22.95 -2.72
C LEU A 340 11.25 21.61 -2.41
N LEU A 341 10.18 21.30 -3.13
CA LEU A 341 9.58 19.99 -3.03
C LEU A 341 10.34 19.04 -3.96
N LEU A 342 10.96 18.02 -3.38
CA LEU A 342 11.85 17.15 -4.12
C LEU A 342 11.17 15.88 -4.61
N LYS A 343 10.89 15.81 -5.91
CA LYS A 343 10.36 14.60 -6.54
C LYS A 343 11.40 14.04 -7.50
N VAL A 344 11.97 12.90 -7.15
CA VAL A 344 13.09 12.33 -7.91
C VAL A 344 12.76 12.03 -9.38
N ASN A 345 11.53 11.61 -9.66
CA ASN A 345 11.17 11.22 -11.02
C ASN A 345 10.84 12.43 -11.90
N GLN A 346 10.63 13.58 -11.28
CA GLN A 346 10.44 14.82 -12.04
C GLN A 346 11.69 15.19 -12.82
N ILE A 347 12.85 14.88 -12.25
CA ILE A 347 14.12 15.23 -12.88
C ILE A 347 14.75 14.01 -13.55
N GLY A 348 14.51 12.83 -13.00
CA GLY A 348 14.87 11.60 -13.68
C GLY A 348 16.09 10.82 -13.21
N SER A 349 16.82 11.35 -12.24
CA SER A 349 18.01 10.65 -11.73
C SER A 349 18.38 11.05 -10.31
N VAL A 350 19.12 10.18 -9.64
CA VAL A 350 19.55 10.42 -8.26
C VAL A 350 20.55 11.56 -8.18
N THR A 351 21.53 11.57 -9.08
CA THR A 351 22.55 12.61 -9.10
C THR A 351 21.95 14.00 -9.26
N GLU A 352 21.04 14.15 -10.22
CA GLU A 352 20.42 15.44 -10.49
C GLU A 352 19.49 15.88 -9.36
N ALA A 353 18.88 14.91 -8.68
CA ALA A 353 17.99 15.21 -7.57
C ALA A 353 18.77 15.73 -6.36
N ILE A 354 19.95 15.15 -6.14
CA ILE A 354 20.84 15.60 -5.08
C ILE A 354 21.34 17.01 -5.37
N GLN A 355 21.70 17.26 -6.63
CA GLN A 355 22.14 18.58 -7.07
C GLN A 355 21.07 19.63 -6.81
N ALA A 356 19.83 19.29 -7.13
CA ALA A 356 18.70 20.20 -6.92
C ALA A 356 18.52 20.49 -5.44
N CYS A 357 18.77 19.48 -4.60
CA CYS A 357 18.67 19.63 -3.16
C CYS A 357 19.74 20.57 -2.62
N LYS A 358 21.00 20.31 -3.01
CA LYS A 358 22.11 21.15 -2.59
CA LYS A 358 22.11 21.14 -2.58
C LYS A 358 21.96 22.58 -3.07
N LEU A 359 21.39 22.74 -4.26
CA LEU A 359 21.16 24.05 -4.85
C LEU A 359 20.19 24.87 -4.01
N ALA A 360 19.20 24.19 -3.43
CA ALA A 360 18.21 24.86 -2.60
C ALA A 360 18.76 25.13 -1.19
N GLN A 361 19.42 24.12 -0.62
CA GLN A 361 19.92 24.22 0.75
C GLN A 361 21.01 25.27 0.91
N GLU A 362 21.84 25.42 -0.13
CA GLU A 362 22.93 26.40 -0.09
C GLU A 362 22.42 27.83 -0.22
N ASN A 363 21.18 27.97 -0.69
CA ASN A 363 20.55 29.29 -0.82
C ASN A 363 19.53 29.56 0.28
N GLY A 364 19.64 28.85 1.40
CA GLY A 364 18.80 29.09 2.56
C GLY A 364 17.40 28.50 2.48
N TRP A 365 17.11 27.78 1.40
CA TRP A 365 15.81 27.13 1.28
C TRP A 365 15.70 25.91 2.20
N GLY A 366 14.47 25.54 2.51
CA GLY A 366 14.20 24.24 3.07
C GLY A 366 13.94 23.29 1.92
N VAL A 367 13.96 22.00 2.19
CA VAL A 367 13.60 21.01 1.19
C VAL A 367 12.52 20.13 1.80
N MET A 368 11.64 19.57 0.97
CA MET A 368 10.70 18.56 1.45
C MET A 368 10.61 17.44 0.43
N VAL A 369 11.13 16.27 0.80
CA VAL A 369 11.03 15.08 -0.04
C VAL A 369 9.57 14.69 -0.19
N SER A 370 9.17 14.31 -1.40
CA SER A 370 7.76 14.04 -1.65
C SER A 370 7.50 12.77 -2.45
N HIS A 371 6.35 12.17 -2.19
CA HIS A 371 5.85 11.04 -2.95
C HIS A 371 5.12 11.51 -4.18
N ARG A 372 4.72 10.58 -5.03
CA ARG A 372 3.80 10.87 -6.12
C ARG A 372 2.45 10.26 -5.77
N SER A 373 1.39 10.69 -6.44
CA SER A 373 0.06 10.15 -6.18
C SER A 373 0.01 8.67 -6.53
N GLY A 374 0.80 8.28 -7.52
CA GLY A 374 0.98 6.88 -7.86
C GLY A 374 2.29 6.37 -7.31
N GLU A 375 2.21 5.58 -6.25
CA GLU A 375 3.41 5.07 -5.59
C GLU A 375 3.50 3.55 -5.65
N THR A 376 4.64 3.03 -5.22
CA THR A 376 4.87 1.58 -5.17
C THR A 376 5.24 1.18 -3.75
N GLU A 377 5.60 -0.08 -3.57
CA GLU A 377 6.06 -0.57 -2.27
C GLU A 377 7.53 -0.21 -2.03
N ASP A 378 8.11 0.52 -2.96
CA ASP A 378 9.50 0.97 -2.85
C ASP A 378 9.63 2.03 -1.76
N THR A 379 10.72 1.96 -1.00
CA THR A 379 10.91 2.86 0.14
C THR A 379 12.18 3.69 0.03
N PHE A 380 12.58 4.03 -1.19
CA PHE A 380 13.84 4.75 -1.41
C PHE A 380 13.82 6.15 -0.79
N ILE A 381 12.71 6.87 -0.95
CA ILE A 381 12.64 8.26 -0.52
C ILE A 381 12.68 8.40 1.00
N ALA A 382 12.50 7.29 1.71
CA ALA A 382 12.67 7.29 3.17
C ALA A 382 14.14 7.46 3.52
N ASP A 383 15.00 6.73 2.83
CA ASP A 383 16.44 6.84 3.02
C ASP A 383 16.96 8.14 2.43
N LEU A 384 16.27 8.63 1.41
CA LEU A 384 16.65 9.87 0.74
C LEU A 384 16.52 11.07 1.66
N VAL A 385 15.36 11.21 2.31
CA VAL A 385 15.08 12.36 3.15
C VAL A 385 16.03 12.42 4.35
N VAL A 386 16.41 11.26 4.87
CA VAL A 386 17.34 11.19 6.01
C VAL A 386 18.75 11.53 5.55
N GLY A 387 19.18 10.91 4.46
CA GLY A 387 20.50 11.13 3.92
C GLY A 387 20.77 12.57 3.51
N LEU A 388 19.73 13.25 3.05
CA LEU A 388 19.84 14.65 2.63
C LEU A 388 19.66 15.61 3.81
N CYS A 389 19.39 15.06 4.99
CA CYS A 389 19.18 15.84 6.21
C CYS A 389 18.17 16.95 5.98
N THR A 390 17.05 16.58 5.37
CA THR A 390 16.05 17.53 4.92
C THR A 390 15.13 18.00 6.06
N GLY A 391 14.70 17.08 6.91
CA GLY A 391 13.92 17.43 8.08
C GLY A 391 12.42 17.39 7.88
N GLN A 392 11.98 17.19 6.64
CA GLN A 392 10.55 17.12 6.35
C GLN A 392 10.24 16.27 5.12
N ILE A 393 9.21 15.44 5.23
CA ILE A 393 8.75 14.63 4.11
C ILE A 393 7.24 14.49 4.14
N LYS A 394 6.61 14.53 2.97
CA LYS A 394 5.22 14.14 2.86
C LYS A 394 5.14 12.93 1.92
N THR A 395 4.64 11.83 2.45
CA THR A 395 4.51 10.62 1.65
C THR A 395 3.22 9.88 1.99
N GLY A 396 2.16 10.64 2.20
CA GLY A 396 0.83 10.09 2.33
C GLY A 396 0.21 10.15 3.72
N ALA A 397 -1.06 9.81 3.79
CA ALA A 397 -1.75 9.64 5.05
C ALA A 397 -1.24 8.37 5.74
N PRO A 398 -1.51 8.22 7.05
CA PRO A 398 -1.16 6.94 7.67
C PRO A 398 -2.14 5.84 7.27
N CYS A 399 -2.28 5.65 5.96
CA CYS A 399 -3.20 4.68 5.40
C CYS A 399 -2.71 4.30 4.01
N ARG A 400 -2.96 3.06 3.59
CA ARG A 400 -2.41 2.48 2.36
C ARG A 400 -0.90 2.28 2.50
N SER A 401 -0.44 1.06 2.23
CA SER A 401 0.94 0.69 2.55
C SER A 401 1.98 1.18 1.56
N GLU A 402 1.56 1.76 0.45
CA GLU A 402 2.53 2.43 -0.43
C GLU A 402 2.96 3.72 0.25
N ARG A 403 2.18 4.13 1.24
CA ARG A 403 2.52 5.27 2.07
C ARG A 403 3.24 4.80 3.34
N LEU A 404 2.63 3.82 4.03
CA LEU A 404 3.17 3.31 5.29
C LEU A 404 4.57 2.70 5.14
N ALA A 405 4.87 2.16 3.96
CA ALA A 405 6.17 1.55 3.71
C ALA A 405 7.29 2.55 3.96
N LYS A 406 7.10 3.78 3.50
CA LYS A 406 8.07 4.85 3.71
C LYS A 406 8.17 5.18 5.19
N TYR A 407 7.02 5.33 5.83
CA TYR A 407 6.96 5.68 7.24
C TYR A 407 7.54 4.58 8.12
N ASN A 408 7.26 3.33 7.77
CA ASN A 408 7.81 2.20 8.52
C ASN A 408 9.33 2.14 8.38
N GLN A 409 9.82 2.40 7.18
CA GLN A 409 11.25 2.40 6.94
C GLN A 409 11.95 3.46 7.79
N LEU A 410 11.32 4.62 7.91
CA LEU A 410 11.85 5.71 8.71
C LEU A 410 11.87 5.35 10.19
N MET A 411 10.90 4.56 10.64
CA MET A 411 10.88 4.10 12.03
C MET A 411 12.01 3.11 12.27
N ARG A 412 12.32 2.29 11.27
CA ARG A 412 13.43 1.36 11.35
C ARG A 412 14.75 2.13 11.36
N ILE A 413 14.83 3.17 10.55
CA ILE A 413 16.02 4.01 10.48
C ILE A 413 16.28 4.72 11.79
N GLU A 414 15.25 5.29 12.39
CA GLU A 414 15.37 5.93 13.70
C GLU A 414 15.87 4.93 14.74
N GLU A 415 15.33 3.72 14.71
CA GLU A 415 15.77 2.64 15.59
C GLU A 415 17.24 2.32 15.38
N GLU A 416 17.63 2.19 14.12
CA GLU A 416 19.00 1.83 13.76
C GLU A 416 19.99 2.91 14.16
N LEU A 417 19.59 4.17 14.01
CA LEU A 417 20.46 5.30 14.29
C LEU A 417 20.68 5.52 15.79
N GLY A 418 19.77 4.99 16.60
CA GLY A 418 19.90 5.04 18.04
C GLY A 418 20.00 6.44 18.62
N ASP A 419 21.09 6.69 19.34
CA ASP A 419 21.29 7.98 20.03
C ASP A 419 21.75 9.07 19.08
N GLU A 420 22.24 8.67 17.92
CA GLU A 420 22.65 9.64 16.90
C GLU A 420 21.41 10.26 16.25
N ALA A 421 20.32 9.50 16.24
CA ALA A 421 19.07 9.93 15.65
C ALA A 421 18.54 11.21 16.28
N ARG A 422 18.33 12.24 15.44
CA ARG A 422 17.76 13.49 15.91
C ARG A 422 16.52 13.86 15.10
N PHE A 423 15.44 14.16 15.81
CA PHE A 423 14.16 14.51 15.20
C PHE A 423 14.11 16.01 14.91
N ALA A 424 13.62 16.37 13.73
CA ALA A 424 13.65 17.76 13.28
C ALA A 424 12.74 18.66 14.12
N GLY A 425 11.57 18.15 14.47
CA GLY A 425 10.62 18.89 15.30
C GLY A 425 10.19 20.23 14.71
N HIS A 426 10.28 21.28 15.52
CA HIS A 426 9.90 22.62 15.07
C HIS A 426 10.95 23.23 14.13
N ASN A 427 12.04 22.49 13.90
CA ASN A 427 13.08 22.94 12.99
C ASN A 427 13.07 22.18 11.66
N PHE A 428 11.88 21.82 11.20
CA PHE A 428 11.73 21.08 9.95
C PHE A 428 12.20 21.90 8.74
N ARG A 429 12.08 23.22 8.84
CA ARG A 429 12.55 24.12 7.77
C ARG A 429 14.08 24.22 7.74
N ASN A 430 14.69 24.21 8.92
CA ASN A 430 16.13 24.46 9.07
C ASN A 430 16.78 23.54 10.10
N PRO A 431 16.85 22.24 9.80
CA PRO A 431 17.32 21.22 10.74
C PRO A 431 18.81 21.30 11.06
N SER A 432 19.54 22.19 10.41
CA SER A 432 20.99 22.24 10.59
C SER A 432 21.37 22.81 11.96
N VAL A 433 20.48 23.61 12.55
CA VAL A 433 20.71 24.24 13.85
C VAL A 433 20.73 23.27 15.03
N LEU A 434 20.41 22.00 14.78
CA LEU A 434 20.36 20.97 15.82
C LEU A 434 21.53 19.99 15.84
N HIS A 435 22.27 19.96 14.73
CA HIS A 435 23.17 18.86 14.38
C HIS A 435 24.19 18.38 15.43
N HIS A 436 24.61 19.27 16.31
CA HIS A 436 25.56 18.98 17.40
C HIS A 436 26.24 17.60 17.42
N MET B 1 22.17 -20.35 17.81
CA MET B 1 22.17 -20.49 16.36
C MET B 1 21.10 -21.53 15.92
N SER B 2 20.90 -21.80 14.62
CA SER B 2 21.50 -21.13 13.45
C SER B 2 21.04 -19.69 13.34
N ILE B 3 20.04 -19.36 14.15
CA ILE B 3 19.54 -18.01 14.32
C ILE B 3 20.49 -17.23 15.24
N GLU B 4 21.03 -16.12 14.74
CA GLU B 4 21.91 -15.29 15.56
C GLU B 4 21.12 -14.25 16.36
N LYS B 5 20.03 -13.77 15.78
CA LYS B 5 19.26 -12.71 16.42
C LYS B 5 17.81 -12.64 15.92
N ILE B 6 16.89 -12.41 16.85
CA ILE B 6 15.49 -12.16 16.53
C ILE B 6 15.05 -10.86 17.20
N TRP B 7 14.78 -9.84 16.40
CA TRP B 7 14.34 -8.57 16.95
C TRP B 7 13.00 -8.16 16.35
N ALA B 8 12.00 -8.00 17.22
CA ALA B 8 10.67 -7.60 16.79
C ALA B 8 10.43 -6.12 17.07
N ARG B 9 9.61 -5.49 16.23
CA ARG B 9 9.27 -4.08 16.43
C ARG B 9 7.83 -3.81 16.04
N GLU B 10 7.41 -2.57 16.31
CA GLU B 10 6.04 -2.14 16.06
C GLU B 10 5.95 -1.28 14.79
N ILE B 11 5.31 -1.80 13.75
CA ILE B 11 5.06 -1.00 12.56
C ILE B 11 3.55 -0.78 12.39
N LEU B 12 3.18 0.01 11.38
CA LEU B 12 1.76 0.27 11.11
C LEU B 12 1.31 -0.46 9.85
N ASP B 13 0.08 -0.99 9.89
CA ASP B 13 -0.47 -1.70 8.73
C ASP B 13 -1.17 -0.73 7.78
N SER B 14 -1.93 -1.28 6.84
CA SER B 14 -2.56 -0.49 5.80
C SER B 14 -3.68 0.41 6.31
N ARG B 15 -4.17 0.14 7.52
CA ARG B 15 -5.21 0.97 8.12
C ARG B 15 -4.65 1.96 9.15
N GLY B 16 -3.35 1.90 9.38
CA GLY B 16 -2.70 2.80 10.32
C GLY B 16 -2.77 2.30 11.75
N ASN B 17 -2.99 1.00 11.91
CA ASN B 17 -2.97 0.37 13.23
C ASN B 17 -1.67 -0.39 13.43
N PRO B 18 -1.16 -0.40 14.67
CA PRO B 18 0.09 -1.11 14.98
C PRO B 18 0.00 -2.61 14.72
N THR B 19 1.08 -3.18 14.20
CA THR B 19 1.18 -4.63 14.05
C THR B 19 2.61 -5.08 14.29
N VAL B 20 2.82 -6.40 14.31
CA VAL B 20 4.12 -6.96 14.62
C VAL B 20 4.97 -7.18 13.38
N GLU B 21 6.20 -6.68 13.43
CA GLU B 21 7.21 -6.98 12.42
C GLU B 21 8.39 -7.66 13.09
N VAL B 22 8.94 -8.68 12.43
CA VAL B 22 10.03 -9.44 13.03
C VAL B 22 11.26 -9.51 12.12
N ASP B 23 12.41 -9.15 12.67
CA ASP B 23 13.69 -9.32 11.97
C ASP B 23 14.41 -10.57 12.48
N LEU B 24 14.77 -11.47 11.58
CA LEU B 24 15.53 -12.65 11.97
C LEU B 24 16.88 -12.68 11.25
N TYR B 25 17.95 -12.76 12.03
CA TYR B 25 19.31 -12.74 11.49
C TYR B 25 19.95 -14.12 11.49
N THR B 26 20.40 -14.55 10.32
CA THR B 26 21.28 -15.70 10.21
C THR B 26 22.59 -15.26 9.59
N ALA B 27 23.48 -16.22 9.31
CA ALA B 27 24.75 -15.90 8.69
C ALA B 27 24.56 -15.49 7.23
N LYS B 28 23.40 -15.82 6.67
CA LYS B 28 23.12 -15.54 5.27
C LYS B 28 22.36 -14.22 5.07
N GLY B 29 22.14 -13.49 6.17
CA GLY B 29 21.55 -12.16 6.07
C GLY B 29 20.33 -11.89 6.92
N LEU B 30 19.63 -10.81 6.61
CA LEU B 30 18.44 -10.39 7.35
C LEU B 30 17.17 -10.89 6.69
N PHE B 31 16.24 -11.40 7.50
CA PHE B 31 14.95 -11.87 7.00
C PHE B 31 13.81 -11.22 7.78
N ARG B 32 12.90 -10.60 7.04
CA ARG B 32 11.90 -9.73 7.65
C ARG B 32 10.48 -10.16 7.30
N ALA B 33 9.61 -10.17 8.30
CA ALA B 33 8.21 -10.54 8.10
C ALA B 33 7.28 -9.69 8.96
N ALA B 34 6.07 -9.45 8.47
CA ALA B 34 5.09 -8.64 9.20
C ALA B 34 3.75 -9.37 9.26
N VAL B 35 2.98 -9.08 10.30
CA VAL B 35 1.76 -9.81 10.58
C VAL B 35 0.50 -9.01 10.22
N PRO B 36 -0.41 -9.62 9.44
CA PRO B 36 -1.68 -8.99 9.07
C PRO B 36 -2.69 -9.01 10.21
N SER B 37 -3.84 -8.37 10.02
CA SER B 37 -4.84 -8.29 11.08
C SER B 37 -6.24 -8.07 10.52
N GLY B 38 -7.18 -8.94 10.91
CA GLY B 38 -8.56 -8.84 10.46
C GLY B 38 -9.34 -7.77 11.19
N ALA B 39 -10.58 -7.54 10.74
CA ALA B 39 -11.42 -6.50 11.31
C ALA B 39 -11.99 -6.92 12.67
N SER B 40 -12.32 -8.20 12.80
CA SER B 40 -12.84 -8.72 14.06
C SER B 40 -12.27 -10.09 14.38
N THR B 41 -12.37 -10.48 15.64
CA THR B 41 -11.91 -11.79 16.09
C THR B 41 -13.10 -12.66 16.50
N GLY B 42 -12.97 -13.96 16.30
CA GLY B 42 -14.02 -14.90 16.65
C GLY B 42 -13.72 -15.63 17.93
N ILE B 43 -14.49 -16.69 18.19
CA ILE B 43 -14.32 -17.50 19.39
C ILE B 43 -13.33 -18.63 19.12
N TYR B 44 -13.20 -19.01 17.85
CA TYR B 44 -12.35 -20.13 17.48
C TYR B 44 -11.00 -19.68 16.91
N GLU B 45 -10.89 -18.40 16.57
CA GLU B 45 -9.64 -17.84 16.06
C GLU B 45 -8.54 -17.88 17.11
N ALA B 46 -7.29 -17.83 16.67
CA ALA B 46 -6.17 -17.69 17.58
C ALA B 46 -6.10 -16.25 18.07
N LEU B 47 -5.80 -16.06 19.35
CA LEU B 47 -5.90 -14.75 19.97
C LEU B 47 -4.87 -13.74 19.44
N GLU B 48 -5.37 -12.58 19.03
CA GLU B 48 -4.52 -11.45 18.67
C GLU B 48 -4.32 -10.57 19.89
N LEU B 49 -3.08 -10.50 20.37
CA LEU B 49 -2.78 -9.77 21.60
C LEU B 49 -2.55 -8.28 21.37
N ARG B 50 -3.46 -7.46 21.88
CA ARG B 50 -3.31 -6.00 21.86
C ARG B 50 -2.97 -5.51 23.26
N ASP B 51 -2.51 -4.27 23.36
CA ASP B 51 -2.12 -3.70 24.65
C ASP B 51 -3.33 -3.24 25.46
N GLY B 52 -4.28 -2.60 24.79
CA GLY B 52 -5.45 -2.06 25.47
C GLY B 52 -5.10 -0.82 26.28
N ASP B 53 -3.92 -0.27 26.01
CA ASP B 53 -3.45 0.94 26.68
C ASP B 53 -3.93 2.17 25.93
N LYS B 54 -4.92 2.85 26.48
CA LYS B 54 -5.56 3.98 25.81
C LYS B 54 -4.69 5.24 25.82
N GLN B 55 -3.47 5.10 26.29
CA GLN B 55 -2.51 6.18 26.25
C GLN B 55 -1.76 6.15 24.91
N ARG B 56 -1.89 5.03 24.22
CA ARG B 56 -1.16 4.77 22.97
C ARG B 56 -2.02 4.11 21.91
N TYR B 57 -2.13 4.76 20.75
CA TYR B 57 -2.86 4.22 19.60
C TYR B 57 -4.27 3.76 19.94
N LEU B 58 -4.88 4.43 20.92
CA LEU B 58 -6.23 4.11 21.37
C LEU B 58 -6.36 2.65 21.80
N GLY B 59 -5.27 2.10 22.32
CA GLY B 59 -5.25 0.75 22.85
C GLY B 59 -4.94 -0.33 21.82
N LYS B 60 -4.50 0.08 20.64
CA LYS B 60 -4.27 -0.86 19.54
C LYS B 60 -2.81 -1.29 19.41
N GLY B 61 -1.98 -0.86 20.35
CA GLY B 61 -0.57 -1.17 20.33
C GLY B 61 -0.28 -2.66 20.50
N VAL B 62 0.93 -3.07 20.11
CA VAL B 62 1.31 -4.47 20.22
C VAL B 62 2.66 -4.64 20.93
N LEU B 63 2.93 -3.75 21.89
CA LEU B 63 4.19 -3.77 22.62
C LEU B 63 4.34 -5.03 23.48
N LYS B 64 3.22 -5.56 23.96
CA LYS B 64 3.24 -6.80 24.73
C LYS B 64 3.75 -7.97 23.88
N ALA B 65 3.21 -8.07 22.66
CA ALA B 65 3.59 -9.14 21.74
C ALA B 65 5.05 -9.01 21.33
N VAL B 66 5.48 -7.78 21.05
CA VAL B 66 6.86 -7.50 20.70
C VAL B 66 7.80 -7.89 21.85
N ASP B 67 7.40 -7.55 23.07
CA ASP B 67 8.18 -7.88 24.25
C ASP B 67 8.25 -9.39 24.49
N HIS B 68 7.15 -10.08 24.23
CA HIS B 68 7.13 -11.53 24.37
C HIS B 68 8.10 -12.19 23.41
N ILE B 69 8.24 -11.62 22.22
CA ILE B 69 9.20 -12.12 21.24
C ILE B 69 10.63 -11.81 21.70
N ASN B 70 10.89 -10.54 21.97
CA ASN B 70 12.25 -10.09 22.29
C ASN B 70 12.80 -10.63 23.61
N SER B 71 11.92 -10.88 24.59
CA SER B 71 12.37 -11.27 25.92
C SER B 71 12.26 -12.78 26.18
N THR B 72 11.30 -13.43 25.54
CA THR B 72 11.03 -14.83 25.83
C THR B 72 11.29 -15.77 24.65
N ILE B 73 10.60 -15.53 23.54
CA ILE B 73 10.68 -16.43 22.38
C ILE B 73 12.05 -16.41 21.72
N ALA B 74 12.59 -15.22 21.49
CA ALA B 74 13.87 -15.07 20.79
C ALA B 74 15.03 -15.79 21.48
N PRO B 75 15.25 -15.56 22.80
CA PRO B 75 16.39 -16.27 23.39
C PRO B 75 16.17 -17.78 23.47
N ALA B 76 14.92 -18.22 23.41
CA ALA B 76 14.61 -19.63 23.51
C ALA B 76 14.88 -20.37 22.20
N LEU B 77 14.47 -19.78 21.09
CA LEU B 77 14.68 -20.39 19.78
C LEU B 77 16.16 -20.41 19.41
N ILE B 78 16.89 -19.40 19.86
CA ILE B 78 18.33 -19.34 19.65
C ILE B 78 19.02 -20.41 20.49
N SER B 79 18.56 -20.56 21.73
CA SER B 79 19.13 -21.54 22.65
C SER B 79 18.90 -22.97 22.17
N SER B 80 17.83 -23.18 21.41
CA SER B 80 17.48 -24.50 20.92
C SER B 80 18.56 -25.07 20.01
N GLY B 81 19.26 -24.20 19.30
CA GLY B 81 20.33 -24.62 18.41
C GLY B 81 19.80 -25.14 17.09
N LEU B 82 18.48 -25.21 16.98
CA LEU B 82 17.82 -25.73 15.78
C LEU B 82 18.14 -24.89 14.55
N SER B 83 18.26 -25.55 13.40
CA SER B 83 18.48 -24.86 12.14
C SER B 83 17.16 -24.27 11.63
N VAL B 84 17.27 -23.21 10.84
CA VAL B 84 16.09 -22.50 10.36
C VAL B 84 15.27 -23.30 9.35
N VAL B 85 15.88 -24.35 8.80
CA VAL B 85 15.18 -25.21 7.85
C VAL B 85 14.18 -26.12 8.56
N GLU B 86 14.33 -26.22 9.88
CA GLU B 86 13.43 -27.04 10.70
C GLU B 86 12.21 -26.24 11.11
N GLN B 87 11.32 -25.99 10.16
CA GLN B 87 10.13 -25.18 10.39
C GLN B 87 9.24 -25.74 11.49
N GLU B 88 9.02 -27.06 11.46
CA GLU B 88 8.10 -27.69 12.40
C GLU B 88 8.62 -27.72 13.83
N LYS B 89 9.91 -28.02 13.99
CA LYS B 89 10.52 -28.06 15.31
C LYS B 89 10.46 -26.71 15.99
N LEU B 90 10.77 -25.66 15.23
CA LEU B 90 10.78 -24.30 15.75
C LEU B 90 9.36 -23.83 16.06
N ASP B 91 8.40 -24.23 15.23
CA ASP B 91 7.01 -23.85 15.45
C ASP B 91 6.44 -24.55 16.68
N ASN B 92 6.70 -25.86 16.79
CA ASN B 92 6.24 -26.62 17.94
C ASN B 92 6.85 -26.13 19.24
N LEU B 93 8.08 -25.65 19.18
CA LEU B 93 8.76 -25.11 20.34
C LEU B 93 8.05 -23.86 20.83
N MET B 94 7.56 -23.04 19.89
CA MET B 94 6.80 -21.86 20.23
C MET B 94 5.40 -22.23 20.74
N LEU B 95 4.86 -23.32 20.22
CA LEU B 95 3.53 -23.79 20.65
C LEU B 95 3.53 -24.22 22.11
N GLU B 96 4.53 -25.01 22.49
CA GLU B 96 4.63 -25.53 23.85
C GLU B 96 5.08 -24.46 24.85
N LEU B 97 5.90 -23.52 24.37
CA LEU B 97 6.33 -22.40 25.20
C LEU B 97 5.14 -21.52 25.57
N ASP B 98 4.30 -21.25 24.57
CA ASP B 98 3.05 -20.55 24.80
C ASP B 98 2.17 -21.42 25.69
N GLY B 99 2.03 -22.69 25.31
CA GLY B 99 1.34 -23.67 26.12
C GLY B 99 -0.14 -23.40 26.35
N THR B 100 -0.76 -22.65 25.45
CA THR B 100 -2.19 -22.39 25.55
C THR B 100 -2.93 -22.86 24.30
N GLU B 101 -4.25 -22.84 24.38
CA GLU B 101 -5.11 -23.31 23.29
C GLU B 101 -5.04 -22.42 22.07
N ASN B 102 -5.44 -21.17 22.24
CA ASN B 102 -5.50 -20.21 21.15
CA ASN B 102 -5.49 -20.22 21.14
C ASN B 102 -4.33 -19.25 21.13
N LYS B 103 -3.17 -19.71 21.60
CA LYS B 103 -1.95 -18.90 21.67
C LYS B 103 -2.19 -17.61 22.44
N SER B 104 -2.86 -17.73 23.57
CA SER B 104 -3.31 -16.54 24.32
C SER B 104 -2.29 -16.02 25.31
N LYS B 105 -1.14 -16.68 25.43
CA LYS B 105 -0.10 -16.23 26.34
C LYS B 105 0.82 -15.21 25.66
N PHE B 106 1.39 -15.60 24.52
CA PHE B 106 2.27 -14.72 23.76
C PHE B 106 1.49 -13.89 22.75
N GLY B 107 0.38 -14.45 22.26
CA GLY B 107 -0.38 -13.84 21.18
C GLY B 107 -0.06 -14.55 19.89
N ALA B 108 -1.07 -14.71 19.04
CA ALA B 108 -0.88 -15.37 17.74
C ALA B 108 -0.01 -14.52 16.83
N ASN B 109 -0.19 -13.20 16.91
CA ASN B 109 0.58 -12.26 16.11
C ASN B 109 2.05 -12.25 16.50
N ALA B 110 2.33 -12.61 17.75
CA ALA B 110 3.70 -12.72 18.21
C ALA B 110 4.36 -13.97 17.62
N ILE B 111 3.69 -15.10 17.75
CA ILE B 111 4.22 -16.38 17.29
C ILE B 111 4.36 -16.44 15.77
N LEU B 112 3.36 -15.92 15.05
CA LEU B 112 3.37 -15.99 13.59
C LEU B 112 4.49 -15.16 12.98
N GLY B 113 4.76 -14.00 13.56
CA GLY B 113 5.81 -13.12 13.08
C GLY B 113 7.16 -13.80 13.02
N VAL B 114 7.51 -14.48 14.10
CA VAL B 114 8.75 -15.24 14.16
C VAL B 114 8.71 -16.41 13.17
N SER B 115 7.57 -17.09 13.14
CA SER B 115 7.37 -18.25 12.28
C SER B 115 7.57 -17.93 10.81
N LEU B 116 7.06 -16.78 10.37
CA LEU B 116 7.20 -16.35 8.99
C LEU B 116 8.65 -15.98 8.66
N ALA B 117 9.32 -15.31 9.59
CA ALA B 117 10.71 -14.90 9.40
C ALA B 117 11.64 -16.11 9.41
N VAL B 118 11.28 -17.11 10.21
CA VAL B 118 12.00 -18.38 10.24
C VAL B 118 11.94 -19.06 8.87
N CYS B 119 10.74 -19.07 8.29
CA CYS B 119 10.51 -19.73 7.01
C CYS B 119 11.30 -19.06 5.89
N LYS B 120 11.39 -17.73 5.95
CA LYS B 120 12.17 -16.99 4.95
C LYS B 120 13.66 -17.27 5.13
N ALA B 121 14.10 -17.38 6.37
CA ALA B 121 15.48 -17.71 6.67
C ALA B 121 15.80 -19.13 6.24
N GLY B 122 14.81 -20.02 6.37
CA GLY B 122 14.98 -21.41 5.98
C GLY B 122 15.13 -21.58 4.49
N ALA B 123 14.42 -20.75 3.73
CA ALA B 123 14.47 -20.81 2.27
C ALA B 123 15.87 -20.47 1.75
N ALA B 124 16.50 -19.48 2.38
CA ALA B 124 17.83 -19.03 1.97
C ALA B 124 18.90 -20.03 2.41
N GLU B 125 18.66 -20.67 3.55
CA GLU B 125 19.60 -21.65 4.07
C GLU B 125 19.71 -22.84 3.13
N ARG B 126 18.59 -23.23 2.54
CA ARG B 126 18.57 -24.31 1.56
C ARG B 126 18.73 -23.76 0.15
N GLU B 127 19.05 -22.48 0.05
CA GLU B 127 19.33 -21.81 -1.22
C GLU B 127 18.19 -22.01 -2.22
N LEU B 128 16.99 -21.69 -1.78
CA LEU B 128 15.80 -21.80 -2.62
C LEU B 128 14.96 -20.54 -2.52
N PRO B 129 14.18 -20.23 -3.57
CA PRO B 129 13.19 -19.17 -3.42
C PRO B 129 12.12 -19.62 -2.44
N LEU B 130 11.50 -18.67 -1.74
CA LEU B 130 10.58 -18.97 -0.64
C LEU B 130 9.48 -19.95 -1.02
N TYR B 131 8.91 -19.80 -2.21
CA TYR B 131 7.80 -20.65 -2.62
C TYR B 131 8.24 -22.10 -2.83
N ARG B 132 9.51 -22.30 -3.13
CA ARG B 132 10.04 -23.65 -3.31
CA ARG B 132 10.09 -23.63 -3.31
C ARG B 132 10.30 -24.31 -1.96
N HIS B 133 10.72 -23.51 -0.98
CA HIS B 133 10.95 -24.02 0.37
C HIS B 133 9.62 -24.45 0.99
N ILE B 134 8.60 -23.63 0.76
CA ILE B 134 7.25 -23.93 1.23
C ILE B 134 6.70 -25.17 0.54
N ALA B 135 7.05 -25.33 -0.74
CA ALA B 135 6.63 -26.50 -1.51
C ALA B 135 7.17 -27.79 -0.90
N GLN B 136 8.41 -27.74 -0.43
CA GLN B 136 9.05 -28.91 0.17
C GLN B 136 8.51 -29.17 1.57
N LEU B 137 8.10 -28.12 2.25
CA LEU B 137 7.48 -28.24 3.57
C LEU B 137 6.07 -28.80 3.45
N ALA B 138 5.44 -28.58 2.30
CA ALA B 138 4.07 -29.02 2.08
C ALA B 138 4.02 -30.40 1.44
N GLY B 139 5.12 -30.81 0.83
CA GLY B 139 5.19 -32.10 0.17
C GLY B 139 4.72 -32.04 -1.27
N ASN B 140 5.00 -30.92 -1.93
CA ASN B 140 4.63 -30.73 -3.33
C ASN B 140 5.83 -30.59 -4.23
N SER B 141 5.71 -31.09 -5.46
CA SER B 141 6.78 -30.99 -6.44
C SER B 141 6.37 -30.05 -7.58
N ASP B 142 5.07 -29.92 -7.79
CA ASP B 142 4.55 -29.03 -8.82
C ASP B 142 4.47 -27.60 -8.31
N LEU B 143 4.40 -26.65 -9.25
CA LEU B 143 4.28 -25.24 -8.92
C LEU B 143 3.41 -24.53 -9.96
N ILE B 144 2.25 -24.06 -9.54
CA ILE B 144 1.34 -23.38 -10.46
C ILE B 144 0.98 -21.99 -9.97
N LEU B 145 0.74 -21.09 -10.92
CA LEU B 145 0.31 -19.73 -10.59
C LEU B 145 -1.19 -19.70 -10.35
N PRO B 146 -1.61 -19.01 -9.28
CA PRO B 146 -3.02 -18.98 -8.89
C PRO B 146 -3.84 -18.00 -9.71
N VAL B 147 -5.15 -18.21 -9.74
CA VAL B 147 -6.06 -17.21 -10.29
C VAL B 147 -6.34 -16.18 -9.22
N PRO B 148 -6.04 -14.90 -9.52
CA PRO B 148 -6.30 -13.83 -8.55
C PRO B 148 -7.78 -13.48 -8.46
N ALA B 149 -8.25 -13.18 -7.26
CA ALA B 149 -9.62 -12.74 -7.06
C ALA B 149 -9.63 -11.32 -6.48
N PHE B 150 -9.81 -10.34 -7.36
CA PHE B 150 -9.83 -8.94 -6.94
C PHE B 150 -11.22 -8.51 -6.51
N ASN B 151 -11.37 -8.05 -5.27
CA ASN B 151 -12.65 -7.44 -4.89
C ASN B 151 -12.74 -6.05 -5.53
N VAL B 152 -13.91 -5.71 -6.02
CA VAL B 152 -14.09 -4.45 -6.73
C VAL B 152 -15.27 -3.67 -6.19
N ILE B 153 -16.26 -4.40 -5.67
CA ILE B 153 -17.42 -3.78 -5.02
C ILE B 153 -17.49 -4.29 -3.59
N ASN B 154 -17.61 -3.36 -2.64
CA ASN B 154 -17.62 -3.72 -1.23
C ASN B 154 -18.87 -3.31 -0.48
N GLY B 155 -19.27 -4.14 0.46
CA GLY B 155 -20.38 -3.85 1.36
C GLY B 155 -20.04 -4.37 2.73
N GLY B 156 -21.06 -4.76 3.50
CA GLY B 156 -20.83 -5.35 4.80
C GLY B 156 -20.69 -4.35 5.93
N SER B 157 -20.12 -4.81 7.03
CA SER B 157 -20.06 -4.02 8.27
C SER B 157 -19.20 -2.76 8.19
N HIS B 158 -18.19 -2.78 7.33
CA HIS B 158 -17.22 -1.70 7.32
C HIS B 158 -17.20 -0.91 6.00
N ALA B 159 -18.31 -0.97 5.28
CA ALA B 159 -18.48 -0.16 4.08
C ALA B 159 -19.51 0.93 4.34
N GLY B 160 -19.31 2.10 3.73
CA GLY B 160 -20.16 3.25 4.00
C GLY B 160 -21.58 3.16 3.45
N ASN B 161 -21.78 2.32 2.44
CA ASN B 161 -23.07 2.24 1.77
C ASN B 161 -24.13 1.49 2.56
N LYS B 162 -25.14 0.97 1.86
CA LYS B 162 -26.20 0.19 2.49
C LYS B 162 -26.16 -1.25 1.98
N LEU B 163 -25.09 -1.59 1.27
CA LEU B 163 -24.93 -2.92 0.68
C LEU B 163 -24.65 -3.97 1.75
N ALA B 164 -25.49 -4.99 1.81
CA ALA B 164 -25.41 -6.01 2.85
C ALA B 164 -24.17 -6.90 2.70
N MET B 165 -24.03 -7.53 1.54
CA MET B 165 -22.96 -8.50 1.33
C MET B 165 -21.59 -7.83 1.19
N GLN B 166 -20.57 -8.51 1.72
CA GLN B 166 -19.27 -7.88 1.97
C GLN B 166 -18.41 -7.62 0.73
N GLU B 167 -18.15 -8.65 -0.07
CA GLU B 167 -17.24 -8.50 -1.21
C GLU B 167 -17.81 -9.06 -2.52
N PHE B 168 -17.48 -8.38 -3.61
CA PHE B 168 -17.79 -8.86 -4.95
C PHE B 168 -16.50 -8.88 -5.78
N MET B 169 -16.08 -10.08 -6.16
CA MET B 169 -14.76 -10.25 -6.77
C MET B 169 -14.82 -10.69 -8.23
N ILE B 170 -13.79 -10.33 -8.99
CA ILE B 170 -13.65 -10.82 -10.36
C ILE B 170 -12.47 -11.77 -10.48
N LEU B 171 -12.65 -12.86 -11.21
CA LEU B 171 -11.62 -13.87 -11.37
C LEU B 171 -11.32 -14.12 -12.85
N PRO B 172 -10.16 -13.64 -13.32
CA PRO B 172 -9.72 -13.84 -14.70
C PRO B 172 -9.28 -15.29 -14.97
N VAL B 173 -10.25 -16.20 -15.04
CA VAL B 173 -9.96 -17.61 -15.26
C VAL B 173 -9.48 -17.90 -16.68
N GLY B 174 -9.88 -17.05 -17.62
CA GLY B 174 -9.57 -17.27 -19.02
C GLY B 174 -8.38 -16.45 -19.52
N ALA B 175 -7.44 -16.17 -18.64
CA ALA B 175 -6.24 -15.43 -19.02
C ALA B 175 -5.13 -16.39 -19.45
N GLU B 176 -4.23 -15.91 -20.29
CA GLU B 176 -3.13 -16.73 -20.80
C GLU B 176 -2.11 -17.05 -19.72
N SER B 177 -1.87 -16.08 -18.84
CA SER B 177 -0.93 -16.24 -17.74
C SER B 177 -1.35 -15.36 -16.57
N PHE B 178 -0.58 -15.41 -15.49
CA PHE B 178 -0.90 -14.55 -14.33
C PHE B 178 -0.64 -13.09 -14.66
N ARG B 179 0.41 -12.83 -15.44
CA ARG B 179 0.72 -11.47 -15.86
C ARG B 179 -0.42 -10.93 -16.72
N ASP B 180 -0.99 -11.79 -17.54
CA ASP B 180 -2.15 -11.43 -18.34
C ASP B 180 -3.38 -11.27 -17.45
N ALA B 181 -3.43 -12.07 -16.38
CA ALA B 181 -4.53 -12.01 -15.42
C ALA B 181 -4.55 -10.68 -14.69
N MET B 182 -3.38 -10.17 -14.37
CA MET B 182 -3.26 -8.86 -13.72
C MET B 182 -3.74 -7.77 -14.64
N ARG B 183 -3.42 -7.89 -15.92
CA ARG B 183 -3.79 -6.91 -16.92
C ARG B 183 -5.30 -6.87 -17.14
N LEU B 184 -5.92 -8.04 -17.13
CA LEU B 184 -7.37 -8.13 -17.29
C LEU B 184 -8.08 -7.55 -16.07
N GLY B 185 -7.56 -7.86 -14.89
CA GLY B 185 -8.14 -7.36 -13.65
C GLY B 185 -8.05 -5.85 -13.53
N ALA B 186 -6.89 -5.30 -13.86
CA ALA B 186 -6.66 -3.86 -13.76
C ALA B 186 -7.49 -3.08 -14.76
N GLU B 187 -7.72 -3.66 -15.94
CA GLU B 187 -8.48 -2.99 -16.99
C GLU B 187 -9.97 -2.96 -16.67
N VAL B 188 -10.47 -4.03 -16.04
CA VAL B 188 -11.86 -4.09 -15.63
C VAL B 188 -12.10 -3.16 -14.44
N TYR B 189 -11.16 -3.17 -13.50
CA TYR B 189 -11.20 -2.29 -12.34
C TYR B 189 -11.29 -0.83 -12.76
N HIS B 190 -10.43 -0.44 -13.69
CA HIS B 190 -10.42 0.93 -14.20
C HIS B 190 -11.67 1.24 -15.02
N THR B 191 -12.15 0.24 -15.74
CA THR B 191 -13.41 0.36 -16.47
C THR B 191 -14.56 0.61 -15.50
N LEU B 192 -14.59 -0.19 -14.44
CA LEU B 192 -15.63 -0.09 -13.41
C LEU B 192 -15.65 1.29 -12.76
N LYS B 193 -14.48 1.86 -12.54
CA LYS B 193 -14.38 3.17 -11.90
C LYS B 193 -15.10 4.24 -12.72
N GLY B 194 -15.00 4.12 -14.04
CA GLY B 194 -15.70 5.03 -14.94
C GLY B 194 -17.19 4.78 -14.95
N VAL B 195 -17.58 3.51 -14.87
CA VAL B 195 -18.98 3.13 -14.84
C VAL B 195 -19.67 3.69 -13.60
N ILE B 196 -19.02 3.54 -12.45
CA ILE B 196 -19.55 4.02 -11.18
C ILE B 196 -19.62 5.55 -11.15
N LYS B 197 -18.59 6.19 -11.69
CA LYS B 197 -18.54 7.65 -11.76
C LYS B 197 -19.72 8.20 -12.56
N ASP B 198 -20.09 7.52 -13.63
CA ASP B 198 -21.17 7.97 -14.49
C ASP B 198 -22.55 7.78 -13.86
N LYS B 199 -22.74 6.65 -13.17
CA LYS B 199 -24.05 6.32 -12.63
C LYS B 199 -24.29 6.92 -11.24
N TYR B 200 -23.26 6.93 -10.39
CA TYR B 200 -23.44 7.34 -9.00
C TYR B 200 -22.72 8.64 -8.64
N GLY B 201 -21.87 9.13 -9.54
CA GLY B 201 -21.24 10.42 -9.35
C GLY B 201 -19.73 10.39 -9.13
N LYS B 202 -19.12 11.57 -9.18
CA LYS B 202 -17.68 11.73 -9.02
C LYS B 202 -17.22 11.33 -7.62
N ASP B 203 -18.07 11.57 -6.63
CA ASP B 203 -17.71 11.37 -5.23
C ASP B 203 -17.83 9.91 -4.79
N ALA B 204 -18.19 9.03 -5.71
CA ALA B 204 -18.47 7.64 -5.36
C ALA B 204 -17.34 6.68 -5.74
N THR B 205 -16.23 7.21 -6.25
CA THR B 205 -15.14 6.37 -6.73
C THR B 205 -14.01 6.23 -5.72
N ASN B 206 -14.25 6.66 -4.49
CA ASN B 206 -13.27 6.45 -3.42
C ASN B 206 -13.29 5.00 -2.96
N VAL B 207 -12.17 4.53 -2.44
CA VAL B 207 -12.01 3.11 -2.15
C VAL B 207 -12.04 2.78 -0.65
N GLY B 208 -12.33 1.52 -0.35
CA GLY B 208 -12.36 1.04 1.02
C GLY B 208 -11.03 0.45 1.46
N ASP B 209 -11.06 -0.32 2.55
CA ASP B 209 -9.84 -0.85 3.15
C ASP B 209 -9.00 -1.73 2.24
N GLU B 210 -9.64 -2.45 1.32
CA GLU B 210 -8.92 -3.36 0.45
C GLU B 210 -8.84 -2.87 -0.99
N GLY B 211 -9.25 -1.62 -1.21
CA GLY B 211 -9.10 -1.00 -2.51
C GLY B 211 -10.33 -1.04 -3.40
N GLY B 212 -11.37 -1.74 -2.94
CA GLY B 212 -12.60 -1.87 -3.71
C GLY B 212 -13.49 -0.65 -3.57
N PHE B 213 -14.45 -0.51 -4.48
CA PHE B 213 -15.37 0.63 -4.46
C PHE B 213 -16.58 0.36 -3.58
N ALA B 214 -17.12 1.42 -2.99
CA ALA B 214 -18.30 1.28 -2.14
C ALA B 214 -19.39 2.28 -2.52
N PRO B 215 -19.99 2.10 -3.70
CA PRO B 215 -21.06 3.01 -4.15
C PRO B 215 -22.31 2.83 -3.30
N ASN B 216 -23.13 3.87 -3.20
CA ASN B 216 -24.34 3.80 -2.39
C ASN B 216 -25.45 3.01 -3.07
N ILE B 217 -25.36 1.69 -2.98
CA ILE B 217 -26.38 0.81 -3.51
C ILE B 217 -26.91 -0.10 -2.40
N LEU B 218 -28.11 -0.64 -2.59
CA LEU B 218 -28.72 -1.51 -1.60
C LEU B 218 -28.80 -2.94 -2.10
N GLU B 219 -29.35 -3.11 -3.29
CA GLU B 219 -29.52 -4.43 -3.88
C GLU B 219 -28.18 -5.11 -4.14
N ASN B 220 -28.05 -6.35 -3.68
CA ASN B 220 -26.85 -7.13 -3.95
C ASN B 220 -26.75 -7.51 -5.42
N SER B 221 -27.92 -7.63 -6.06
CA SER B 221 -27.99 -7.93 -7.48
C SER B 221 -27.53 -6.73 -8.31
N GLU B 222 -27.61 -5.54 -7.72
CA GLU B 222 -27.14 -4.32 -8.37
C GLU B 222 -25.62 -4.31 -8.44
N ALA B 223 -24.99 -4.85 -7.40
CA ALA B 223 -23.53 -4.95 -7.37
C ALA B 223 -23.03 -5.88 -8.45
N LEU B 224 -23.78 -6.95 -8.71
CA LEU B 224 -23.42 -7.92 -9.73
C LEU B 224 -23.56 -7.32 -11.14
N GLU B 225 -24.57 -6.49 -11.32
CA GLU B 225 -24.80 -5.85 -12.62
C GLU B 225 -23.69 -4.88 -12.98
N LEU B 226 -23.22 -4.11 -12.00
CA LEU B 226 -22.12 -3.18 -12.21
C LEU B 226 -20.86 -3.91 -12.65
N VAL B 227 -20.58 -5.03 -11.99
CA VAL B 227 -19.40 -5.83 -12.28
C VAL B 227 -19.48 -6.40 -13.70
N LYS B 228 -20.62 -6.99 -14.05
CA LYS B 228 -20.81 -7.56 -15.37
C LYS B 228 -20.73 -6.49 -16.45
N GLU B 229 -21.31 -5.32 -16.17
CA GLU B 229 -21.24 -4.18 -17.08
C GLU B 229 -19.80 -3.77 -17.35
N ALA B 230 -18.96 -3.88 -16.33
CA ALA B 230 -17.56 -3.53 -16.45
C ALA B 230 -16.77 -4.59 -17.22
N ILE B 231 -17.08 -5.86 -16.95
CA ILE B 231 -16.42 -6.97 -17.64
C ILE B 231 -16.68 -6.92 -19.14
N ASP B 232 -17.92 -6.65 -19.51
CA ASP B 232 -18.31 -6.64 -20.92
C ASP B 232 -17.79 -5.40 -21.65
N LYS B 233 -17.81 -4.25 -20.97
CA LYS B 233 -17.35 -3.01 -21.58
C LYS B 233 -15.84 -3.02 -21.78
N ALA B 234 -15.15 -3.83 -20.97
CA ALA B 234 -13.71 -4.00 -21.12
C ALA B 234 -13.41 -5.07 -22.16
N GLY B 235 -14.43 -5.86 -22.49
CA GLY B 235 -14.32 -6.86 -23.55
C GLY B 235 -13.75 -8.18 -23.10
N TYR B 236 -14.03 -8.56 -21.85
CA TYR B 236 -13.51 -9.82 -21.31
C TYR B 236 -14.63 -10.70 -20.76
N THR B 237 -15.79 -10.63 -21.41
CA THR B 237 -16.96 -11.40 -21.00
C THR B 237 -16.69 -12.89 -20.91
N GLU B 238 -15.92 -13.41 -21.85
CA GLU B 238 -15.66 -14.84 -21.92
C GLU B 238 -14.57 -15.27 -20.94
N LYS B 239 -13.77 -14.32 -20.48
CA LYS B 239 -12.55 -14.65 -19.75
C LYS B 239 -12.59 -14.35 -18.25
N ILE B 240 -13.61 -13.61 -17.81
CA ILE B 240 -13.67 -13.19 -16.41
C ILE B 240 -14.98 -13.56 -15.73
N VAL B 241 -14.87 -14.25 -14.60
CA VAL B 241 -16.04 -14.66 -13.82
C VAL B 241 -16.09 -13.94 -12.49
N ILE B 242 -17.12 -14.24 -11.68
CA ILE B 242 -17.39 -13.50 -10.46
C ILE B 242 -17.36 -14.37 -9.20
N GLY B 243 -16.70 -13.86 -8.16
CA GLY B 243 -16.70 -14.49 -6.85
C GLY B 243 -17.38 -13.59 -5.83
N MET B 244 -17.74 -14.15 -4.68
CA MET B 244 -18.44 -13.39 -3.65
C MET B 244 -17.99 -13.77 -2.24
N ASP B 245 -17.81 -12.76 -1.40
CA ASP B 245 -17.71 -12.97 0.04
C ASP B 245 -18.92 -12.29 0.69
N VAL B 246 -19.82 -13.10 1.24
CA VAL B 246 -21.06 -12.59 1.80
C VAL B 246 -20.86 -12.15 3.25
N ALA B 247 -20.10 -12.94 4.00
CA ALA B 247 -19.89 -12.72 5.43
C ALA B 247 -21.24 -12.61 6.14
N ALA B 248 -22.03 -13.68 6.05
CA ALA B 248 -23.41 -13.65 6.51
C ALA B 248 -23.55 -13.59 8.03
N SER B 249 -22.45 -13.85 8.73
CA SER B 249 -22.45 -13.76 10.19
C SER B 249 -22.76 -12.33 10.64
N GLU B 250 -22.42 -11.37 9.80
CA GLU B 250 -22.55 -9.95 10.12
C GLU B 250 -24.00 -9.47 10.12
N PHE B 251 -24.89 -10.22 9.48
CA PHE B 251 -26.30 -9.85 9.50
C PHE B 251 -27.20 -11.01 9.91
N TYR B 252 -26.68 -11.87 10.78
CA TYR B 252 -27.43 -12.98 11.35
C TYR B 252 -28.29 -12.50 12.52
N ARG B 253 -29.61 -12.51 12.32
CA ARG B 253 -30.53 -11.97 13.31
C ARG B 253 -31.66 -12.96 13.67
N ASP B 254 -31.73 -13.33 14.95
CA ASP B 254 -32.83 -14.15 15.46
C ASP B 254 -32.96 -15.50 14.76
N GLY B 255 -31.86 -15.99 14.18
CA GLY B 255 -31.90 -17.21 13.40
C GLY B 255 -32.28 -16.94 11.95
N LYS B 256 -32.47 -15.67 11.64
CA LYS B 256 -32.78 -15.24 10.28
C LYS B 256 -31.63 -14.37 9.76
N TYR B 257 -31.83 -13.76 8.60
CA TYR B 257 -30.79 -12.93 8.00
C TYR B 257 -31.35 -11.59 7.53
N ASP B 258 -30.56 -10.54 7.72
CA ASP B 258 -31.03 -9.17 7.48
C ASP B 258 -30.22 -8.48 6.39
N LEU B 259 -30.76 -8.43 5.17
CA LEU B 259 -30.06 -7.86 4.03
C LEU B 259 -30.11 -6.32 4.02
N ASP B 260 -30.41 -5.73 5.17
CA ASP B 260 -30.38 -4.28 5.32
C ASP B 260 -30.06 -3.94 6.78
N PHE B 261 -29.07 -4.63 7.32
CA PHE B 261 -28.74 -4.54 8.74
C PHE B 261 -28.10 -3.20 9.12
N LYS B 262 -27.62 -2.47 8.11
CA LYS B 262 -27.02 -1.16 8.35
C LYS B 262 -28.08 -0.07 8.35
N SER B 263 -29.34 -0.48 8.22
CA SER B 263 -30.48 0.40 8.43
C SER B 263 -31.17 -0.01 9.73
N PRO B 264 -31.70 0.97 10.49
CA PRO B 264 -32.34 0.79 11.80
C PRO B 264 -33.13 -0.51 11.94
N THR B 265 -32.88 -1.23 13.04
CA THR B 265 -33.38 -2.59 13.24
C THR B 265 -34.86 -2.77 12.98
N ASP B 266 -35.17 -3.46 11.87
CA ASP B 266 -36.54 -3.79 11.52
C ASP B 266 -36.65 -5.31 11.34
N PRO B 267 -37.37 -5.97 12.25
CA PRO B 267 -37.51 -7.44 12.23
C PRO B 267 -38.46 -7.93 11.14
N SER B 268 -38.99 -7.00 10.34
CA SER B 268 -39.94 -7.36 9.29
C SER B 268 -39.22 -7.87 8.04
N ARG B 269 -38.09 -7.25 7.71
CA ARG B 269 -37.36 -7.61 6.49
C ARG B 269 -36.38 -8.76 6.69
N TYR B 270 -36.53 -9.50 7.78
CA TYR B 270 -35.69 -10.66 8.02
C TYR B 270 -36.11 -11.83 7.12
N ILE B 271 -35.13 -12.60 6.66
CA ILE B 271 -35.40 -13.77 5.83
C ILE B 271 -34.66 -15.01 6.36
N THR B 272 -35.17 -16.18 6.03
CA THR B 272 -34.60 -17.43 6.53
C THR B 272 -33.43 -17.92 5.68
N GLY B 273 -32.78 -18.98 6.14
CA GLY B 273 -31.67 -19.57 5.41
C GLY B 273 -32.13 -20.16 4.09
N ASP B 274 -33.28 -20.81 4.12
CA ASP B 274 -33.89 -21.35 2.90
C ASP B 274 -34.22 -20.22 1.93
N GLN B 275 -34.72 -19.11 2.48
CA GLN B 275 -35.03 -17.93 1.68
C GLN B 275 -33.76 -17.32 1.11
N LEU B 276 -32.70 -17.30 1.93
CA LEU B 276 -31.43 -16.75 1.52
C LEU B 276 -30.76 -17.61 0.46
N GLY B 277 -30.88 -18.93 0.63
CA GLY B 277 -30.32 -19.88 -0.30
C GLY B 277 -30.88 -19.71 -1.70
N ALA B 278 -32.19 -19.49 -1.78
CA ALA B 278 -32.87 -19.29 -3.06
C ALA B 278 -32.35 -18.04 -3.77
N LEU B 279 -31.99 -17.02 -2.99
CA LEU B 279 -31.45 -15.79 -3.54
C LEU B 279 -30.10 -16.05 -4.20
N TYR B 280 -29.32 -16.94 -3.60
CA TYR B 280 -28.04 -17.35 -4.16
C TYR B 280 -28.24 -18.12 -5.45
N GLN B 281 -29.23 -19.00 -5.45
CA GLN B 281 -29.57 -19.81 -6.62
C GLN B 281 -29.86 -18.91 -7.82
N ASP B 282 -30.57 -17.82 -7.58
CA ASP B 282 -30.90 -16.86 -8.63
C ASP B 282 -29.67 -16.07 -9.04
N PHE B 283 -28.79 -15.77 -8.08
CA PHE B 283 -27.54 -15.08 -8.37
C PHE B 283 -26.67 -15.90 -9.32
N VAL B 284 -26.49 -17.17 -8.99
CA VAL B 284 -25.68 -18.08 -9.78
C VAL B 284 -26.22 -18.23 -11.21
N ARG B 285 -27.54 -18.17 -11.34
CA ARG B 285 -28.18 -18.31 -12.64
C ARG B 285 -27.94 -17.10 -13.54
N ASP B 286 -28.32 -15.93 -13.04
CA ASP B 286 -28.33 -14.72 -13.86
C ASP B 286 -26.95 -14.07 -14.00
N TYR B 287 -25.97 -14.57 -13.25
CA TYR B 287 -24.62 -14.00 -13.28
C TYR B 287 -23.57 -15.10 -13.20
N PRO B 288 -22.38 -14.84 -13.78
CA PRO B 288 -21.30 -15.84 -13.75
C PRO B 288 -20.63 -15.98 -12.39
N VAL B 289 -21.41 -16.37 -11.38
CA VAL B 289 -20.88 -16.59 -10.04
C VAL B 289 -20.41 -18.03 -9.87
N VAL B 290 -19.13 -18.20 -9.57
CA VAL B 290 -18.53 -19.53 -9.48
C VAL B 290 -18.05 -19.86 -8.07
N SER B 291 -18.19 -18.91 -7.16
CA SER B 291 -17.73 -19.11 -5.79
C SER B 291 -18.42 -18.16 -4.81
N ILE B 292 -18.84 -18.69 -3.67
CA ILE B 292 -19.44 -17.87 -2.62
C ILE B 292 -18.81 -18.19 -1.26
N GLU B 293 -18.35 -17.16 -0.58
CA GLU B 293 -17.72 -17.31 0.73
C GLU B 293 -18.68 -16.92 1.85
N ASP B 294 -18.73 -17.75 2.89
CA ASP B 294 -19.62 -17.54 4.04
C ASP B 294 -21.06 -17.21 3.64
N PRO B 295 -21.75 -18.14 2.95
CA PRO B 295 -23.13 -17.85 2.56
C PRO B 295 -24.08 -17.80 3.75
N PHE B 296 -23.69 -18.41 4.86
CA PHE B 296 -24.52 -18.43 6.06
C PHE B 296 -23.70 -18.20 7.32
N ASP B 297 -24.38 -18.06 8.46
CA ASP B 297 -23.73 -17.76 9.73
C ASP B 297 -22.73 -18.85 10.12
N GLN B 298 -21.75 -18.45 10.93
CA GLN B 298 -20.64 -19.33 11.32
C GLN B 298 -21.05 -20.53 12.18
N ASP B 299 -22.33 -20.60 12.54
CA ASP B 299 -22.83 -21.73 13.32
C ASP B 299 -24.21 -22.19 12.84
N ASP B 300 -24.60 -21.73 11.66
CA ASP B 300 -25.82 -22.20 11.03
C ASP B 300 -25.49 -23.38 10.11
N TRP B 301 -25.05 -24.47 10.72
CA TRP B 301 -24.54 -25.62 9.98
C TRP B 301 -25.57 -26.29 9.08
N ALA B 302 -26.84 -26.23 9.48
CA ALA B 302 -27.91 -26.82 8.70
C ALA B 302 -28.01 -26.14 7.34
N ALA B 303 -28.01 -24.82 7.34
CA ALA B 303 -28.12 -24.04 6.11
C ALA B 303 -26.95 -24.28 5.17
N TRP B 304 -25.76 -24.43 5.75
CA TRP B 304 -24.55 -24.68 4.97
C TRP B 304 -24.64 -25.99 4.19
N SER B 305 -24.87 -27.09 4.90
CA SER B 305 -24.90 -28.42 4.31
C SER B 305 -26.03 -28.56 3.28
N LYS B 306 -27.19 -28.00 3.61
CA LYS B 306 -28.35 -28.06 2.72
C LYS B 306 -28.08 -27.33 1.41
N PHE B 307 -27.38 -26.19 1.49
CA PHE B 307 -27.10 -25.37 0.33
C PHE B 307 -25.95 -25.94 -0.50
N THR B 308 -24.91 -26.41 0.17
CA THR B 308 -23.75 -26.99 -0.50
C THR B 308 -24.12 -28.22 -1.32
N ALA B 309 -25.05 -29.01 -0.79
CA ALA B 309 -25.46 -30.25 -1.44
C ALA B 309 -26.41 -30.00 -2.60
N ASN B 310 -26.76 -28.75 -2.85
CA ASN B 310 -27.71 -28.41 -3.89
C ASN B 310 -27.18 -27.41 -4.92
N VAL B 311 -25.86 -27.23 -4.94
CA VAL B 311 -25.23 -26.36 -5.93
C VAL B 311 -23.95 -26.98 -6.48
N GLY B 312 -23.43 -26.39 -7.56
CA GLY B 312 -22.21 -26.88 -8.18
C GLY B 312 -21.05 -25.92 -8.04
N ILE B 313 -21.35 -24.68 -7.62
CA ILE B 313 -20.31 -23.67 -7.46
C ILE B 313 -19.42 -23.99 -6.25
N GLN B 314 -18.40 -23.17 -6.07
CA GLN B 314 -17.50 -23.32 -4.93
C GLN B 314 -18.07 -22.66 -3.67
N ILE B 315 -18.03 -23.39 -2.57
CA ILE B 315 -18.51 -22.86 -1.29
C ILE B 315 -17.36 -22.72 -0.31
N VAL B 316 -17.09 -21.49 0.11
CA VAL B 316 -15.89 -21.21 0.90
C VAL B 316 -16.21 -20.88 2.36
N GLY B 317 -15.58 -21.61 3.27
CA GLY B 317 -15.70 -21.35 4.70
C GLY B 317 -14.66 -20.36 5.19
N ASP B 318 -15.12 -19.34 5.90
CA ASP B 318 -14.24 -18.33 6.45
C ASP B 318 -14.49 -18.20 7.96
N ASP B 319 -15.60 -17.59 8.32
CA ASP B 319 -16.03 -17.54 9.72
C ASP B 319 -16.34 -18.94 10.22
N LEU B 320 -16.74 -19.81 9.29
CA LEU B 320 -17.13 -21.17 9.60
C LEU B 320 -15.97 -22.03 10.08
N THR B 321 -14.82 -21.89 9.43
CA THR B 321 -13.69 -22.76 9.69
C THR B 321 -12.49 -22.04 10.33
N VAL B 322 -12.47 -20.72 10.20
CA VAL B 322 -11.39 -19.84 10.71
C VAL B 322 -9.98 -20.45 10.70
N THR B 323 -9.68 -21.21 9.66
CA THR B 323 -8.39 -21.89 9.51
C THR B 323 -8.08 -22.74 10.74
N ASN B 324 -9.15 -23.23 11.38
CA ASN B 324 -9.01 -24.06 12.57
C ASN B 324 -9.29 -25.51 12.25
N PRO B 325 -8.25 -26.36 12.31
CA PRO B 325 -8.35 -27.78 11.97
C PRO B 325 -9.55 -28.48 12.62
N LYS B 326 -9.82 -28.18 13.89
CA LYS B 326 -10.94 -28.79 14.60
C LYS B 326 -12.26 -28.45 13.91
N ARG B 327 -12.45 -27.18 13.58
CA ARG B 327 -13.66 -26.74 12.89
C ARG B 327 -13.68 -27.21 11.44
N ILE B 328 -12.50 -27.42 10.87
CA ILE B 328 -12.41 -27.87 9.48
C ILE B 328 -12.94 -29.29 9.30
N GLU B 329 -12.56 -30.20 10.20
CA GLU B 329 -13.04 -31.59 10.12
C GLU B 329 -14.54 -31.70 10.40
N ARG B 330 -15.07 -30.85 11.28
CA ARG B 330 -16.51 -30.83 11.50
C ARG B 330 -17.22 -30.39 10.22
N ALA B 331 -16.61 -29.43 9.53
CA ALA B 331 -17.15 -28.93 8.28
C ALA B 331 -17.08 -30.02 7.21
N VAL B 332 -16.05 -30.86 7.28
CA VAL B 332 -15.90 -31.97 6.36
C VAL B 332 -16.98 -33.03 6.57
N GLU B 333 -17.14 -33.45 7.82
CA GLU B 333 -18.11 -34.49 8.17
C GLU B 333 -19.54 -34.10 7.81
N GLU B 334 -19.91 -32.87 8.15
CA GLU B 334 -21.25 -32.39 7.84
C GLU B 334 -21.33 -31.87 6.41
N LYS B 335 -20.22 -31.97 5.69
CA LYS B 335 -20.12 -31.51 4.30
C LYS B 335 -20.67 -30.10 4.15
N ALA B 336 -20.24 -29.21 5.04
CA ALA B 336 -20.76 -27.85 5.09
C ALA B 336 -20.30 -27.00 3.90
N CYS B 337 -19.07 -27.24 3.45
CA CYS B 337 -18.51 -26.48 2.34
C CYS B 337 -17.51 -27.33 1.55
N ASN B 338 -17.03 -26.78 0.44
CA ASN B 338 -16.09 -27.51 -0.42
C ASN B 338 -14.79 -26.75 -0.66
N CYS B 339 -14.58 -25.66 0.07
CA CYS B 339 -13.36 -24.87 -0.06
C CYS B 339 -12.97 -24.19 1.25
N LEU B 340 -11.68 -24.23 1.56
CA LEU B 340 -11.15 -23.61 2.76
C LEU B 340 -10.44 -22.29 2.46
N LEU B 341 -10.89 -21.22 3.11
CA LEU B 341 -10.16 -19.95 3.03
C LEU B 341 -8.99 -20.02 4.00
N LEU B 342 -7.80 -19.68 3.52
CA LEU B 342 -6.60 -19.84 4.33
C LEU B 342 -6.05 -18.50 4.82
N LYS B 343 -6.20 -18.25 6.11
CA LYS B 343 -5.65 -17.07 6.75
C LYS B 343 -4.63 -17.48 7.80
N VAL B 344 -3.35 -17.29 7.50
CA VAL B 344 -2.27 -17.76 8.36
C VAL B 344 -2.33 -17.20 9.79
N ASN B 345 -2.80 -15.97 9.94
CA ASN B 345 -2.81 -15.34 11.25
C ASN B 345 -3.98 -15.85 12.11
N GLN B 346 -4.93 -16.52 11.48
CA GLN B 346 -6.06 -17.10 12.21
C GLN B 346 -5.64 -18.34 12.99
N ILE B 347 -4.66 -19.08 12.46
CA ILE B 347 -4.18 -20.28 13.13
C ILE B 347 -2.88 -19.97 13.89
N GLY B 348 -2.02 -19.13 13.31
CA GLY B 348 -0.91 -18.58 14.05
C GLY B 348 0.50 -19.06 13.74
N SER B 349 0.64 -20.02 12.82
CA SER B 349 1.97 -20.49 12.45
C SER B 349 2.02 -21.05 11.03
N VAL B 350 3.21 -21.09 10.46
CA VAL B 350 3.39 -21.60 9.10
C VAL B 350 3.11 -23.09 9.02
N THR B 351 3.62 -23.84 9.99
CA THR B 351 3.44 -25.29 10.02
C THR B 351 1.98 -25.69 10.14
N GLU B 352 1.27 -25.08 11.08
CA GLU B 352 -0.14 -25.36 11.29
C GLU B 352 -0.99 -24.92 10.09
N ALA B 353 -0.54 -23.89 9.40
CA ALA B 353 -1.25 -23.39 8.22
C ALA B 353 -1.10 -24.36 7.06
N ILE B 354 0.10 -24.90 6.89
CA ILE B 354 0.37 -25.89 5.85
C ILE B 354 -0.45 -27.16 6.13
N GLN B 355 -0.53 -27.52 7.40
CA GLN B 355 -1.27 -28.71 7.81
C GLN B 355 -2.78 -28.55 7.60
N ALA B 356 -3.30 -27.38 7.94
CA ALA B 356 -4.72 -27.08 7.73
C ALA B 356 -5.06 -27.13 6.25
N CYS B 357 -4.11 -26.72 5.42
CA CYS B 357 -4.29 -26.75 3.97
C CYS B 357 -4.32 -28.18 3.45
N LYS B 358 -3.36 -28.99 3.88
CA LYS B 358 -3.28 -30.38 3.45
CA LYS B 358 -3.27 -30.39 3.46
C LYS B 358 -4.50 -31.17 3.93
N LEU B 359 -5.00 -30.83 5.11
CA LEU B 359 -6.19 -31.47 5.65
C LEU B 359 -7.39 -31.23 4.74
N ALA B 360 -7.50 -29.99 4.24
CA ALA B 360 -8.58 -29.62 3.35
C ALA B 360 -8.42 -30.31 1.99
N GLN B 361 -7.21 -30.24 1.45
CA GLN B 361 -6.94 -30.80 0.12
C GLN B 361 -7.14 -32.31 0.06
N GLU B 362 -6.79 -33.00 1.14
CA GLU B 362 -6.94 -34.45 1.20
C GLU B 362 -8.40 -34.87 1.22
N ASN B 363 -9.28 -33.99 1.70
CA ASN B 363 -10.70 -34.27 1.73
C ASN B 363 -11.41 -33.76 0.49
N GLY B 364 -10.63 -33.29 -0.48
CA GLY B 364 -11.18 -32.87 -1.76
C GLY B 364 -11.64 -31.43 -1.82
N TRP B 365 -11.18 -30.62 -0.89
CA TRP B 365 -11.52 -29.20 -0.88
C TRP B 365 -10.56 -28.38 -1.73
N GLY B 366 -11.04 -27.25 -2.23
CA GLY B 366 -10.17 -26.24 -2.79
C GLY B 366 -9.66 -25.38 -1.65
N VAL B 367 -8.59 -24.63 -1.89
CA VAL B 367 -8.08 -23.72 -0.87
C VAL B 367 -7.83 -22.35 -1.48
N MET B 368 -8.31 -21.30 -0.83
CA MET B 368 -8.05 -19.95 -1.30
C MET B 368 -7.25 -19.17 -0.28
N VAL B 369 -5.96 -18.97 -0.55
CA VAL B 369 -5.11 -18.15 0.30
C VAL B 369 -5.66 -16.72 0.32
N SER B 370 -5.73 -16.13 1.50
CA SER B 370 -6.39 -14.84 1.65
C SER B 370 -5.62 -13.82 2.48
N HIS B 371 -5.81 -12.56 2.12
CA HIS B 371 -5.31 -11.42 2.87
C HIS B 371 -6.22 -11.14 4.05
N ARG B 372 -5.84 -10.18 4.88
CA ARG B 372 -6.74 -9.65 5.89
C ARG B 372 -7.10 -8.22 5.49
N SER B 373 -8.12 -7.65 6.12
CA SER B 373 -8.51 -6.27 5.83
C SER B 373 -7.40 -5.31 6.25
N GLY B 374 -6.62 -5.73 7.24
CA GLY B 374 -5.43 -5.00 7.65
C GLY B 374 -4.19 -5.75 7.21
N GLU B 375 -3.52 -5.23 6.19
CA GLU B 375 -2.33 -5.88 5.64
C GLU B 375 -1.11 -4.98 5.70
N THR B 376 0.05 -5.54 5.32
CA THR B 376 1.29 -4.78 5.27
C THR B 376 1.96 -4.94 3.92
N GLU B 377 3.18 -4.42 3.81
CA GLU B 377 3.95 -4.52 2.58
C GLU B 377 4.58 -5.91 2.42
N ASP B 378 4.38 -6.75 3.43
CA ASP B 378 4.86 -8.13 3.38
C ASP B 378 4.18 -8.89 2.24
N THR B 379 4.92 -9.80 1.60
CA THR B 379 4.40 -10.52 0.45
C THR B 379 4.51 -12.04 0.60
N PHE B 380 4.51 -12.51 1.85
CA PHE B 380 4.70 -13.93 2.12
C PHE B 380 3.65 -14.81 1.44
N ILE B 381 2.39 -14.39 1.50
CA ILE B 381 1.29 -15.23 1.00
C ILE B 381 1.32 -15.40 -0.52
N ALA B 382 2.09 -14.54 -1.19
CA ALA B 382 2.28 -14.70 -2.64
C ALA B 382 3.08 -15.97 -2.91
N ASP B 383 4.15 -16.16 -2.16
CA ASP B 383 4.95 -17.38 -2.27
C ASP B 383 4.21 -18.57 -1.68
N LEU B 384 3.36 -18.30 -0.69
CA LEU B 384 2.62 -19.35 -0.01
C LEU B 384 1.61 -20.03 -0.93
N VAL B 385 0.86 -19.23 -1.68
CA VAL B 385 -0.20 -19.76 -2.54
C VAL B 385 0.41 -20.57 -3.70
N VAL B 386 1.63 -20.23 -4.08
CA VAL B 386 2.33 -20.97 -5.14
C VAL B 386 2.89 -22.28 -4.60
N GLY B 387 3.52 -22.22 -3.44
CA GLY B 387 4.10 -23.39 -2.82
C GLY B 387 3.06 -24.42 -2.41
N LEU B 388 1.85 -23.96 -2.10
CA LEU B 388 0.78 -24.87 -1.70
C LEU B 388 -0.06 -25.32 -2.89
N CYS B 389 0.16 -24.68 -4.04
CA CYS B 389 -0.51 -25.04 -5.30
C CYS B 389 -2.03 -25.10 -5.13
N THR B 390 -2.62 -24.01 -4.67
CA THR B 390 -4.05 -23.99 -4.39
C THR B 390 -4.84 -23.50 -5.61
N GLY B 391 -4.18 -22.73 -6.46
CA GLY B 391 -4.79 -22.28 -7.71
C GLY B 391 -5.60 -21.00 -7.60
N GLN B 392 -5.78 -20.52 -6.37
CA GLN B 392 -6.61 -19.34 -6.15
C GLN B 392 -6.18 -18.55 -4.92
N ILE B 393 -6.10 -17.23 -5.09
CA ILE B 393 -5.76 -16.33 -4.00
C ILE B 393 -6.60 -15.06 -4.13
N LYS B 394 -7.08 -14.56 -3.00
CA LYS B 394 -7.65 -13.21 -2.99
C LYS B 394 -6.82 -12.33 -2.05
N THR B 395 -6.29 -11.25 -2.59
CA THR B 395 -5.51 -10.32 -1.79
C THR B 395 -5.74 -8.88 -2.25
N GLY B 396 -7.01 -8.57 -2.48
CA GLY B 396 -7.41 -7.19 -2.72
C GLY B 396 -7.64 -6.80 -4.17
N ALA B 397 -8.05 -5.55 -4.35
CA ALA B 397 -8.20 -4.96 -5.67
C ALA B 397 -6.82 -4.67 -6.27
N PRO B 398 -6.76 -4.41 -7.59
CA PRO B 398 -5.50 -3.89 -8.13
C PRO B 398 -5.31 -2.42 -7.74
N CYS B 399 -5.40 -2.15 -6.45
CA CYS B 399 -5.31 -0.81 -5.89
C CYS B 399 -4.81 -0.92 -4.46
N ARG B 400 -4.05 0.08 -4.01
CA ARG B 400 -3.35 0.05 -2.71
C ARG B 400 -2.24 -1.00 -2.74
N SER B 401 -1.01 -0.58 -2.47
CA SER B 401 0.16 -1.43 -2.69
C SER B 401 0.33 -2.55 -1.66
N GLU B 402 -0.46 -2.54 -0.59
CA GLU B 402 -0.42 -3.68 0.33
C GLU B 402 -1.11 -4.85 -0.34
N ARG B 403 -1.88 -4.54 -1.39
CA ARG B 403 -2.48 -5.55 -2.24
C ARG B 403 -1.57 -5.85 -3.43
N LEU B 404 -1.16 -4.81 -4.15
CA LEU B 404 -0.32 -4.95 -5.34
C LEU B 404 1.00 -5.68 -5.09
N ALA B 405 1.55 -5.53 -3.90
CA ALA B 405 2.84 -6.13 -3.57
C ALA B 405 2.79 -7.65 -3.70
N LYS B 406 1.64 -8.23 -3.38
CA LYS B 406 1.45 -9.67 -3.53
C LYS B 406 1.32 -10.03 -5.00
N TYR B 407 0.51 -9.25 -5.72
CA TYR B 407 0.28 -9.45 -7.14
C TYR B 407 1.56 -9.23 -7.95
N ASN B 408 2.33 -8.20 -7.57
CA ASN B 408 3.62 -7.95 -8.20
C ASN B 408 4.57 -9.11 -7.97
N GLN B 409 4.62 -9.58 -6.73
CA GLN B 409 5.50 -10.68 -6.36
C GLN B 409 5.13 -11.96 -7.10
N LEU B 410 3.83 -12.19 -7.28
CA LEU B 410 3.36 -13.35 -8.04
C LEU B 410 3.81 -13.25 -9.50
N MET B 411 3.83 -12.04 -10.05
CA MET B 411 4.30 -11.82 -11.41
C MET B 411 5.81 -12.08 -11.51
N ARG B 412 6.55 -11.68 -10.49
CA ARG B 412 7.99 -11.95 -10.45
C ARG B 412 8.25 -13.44 -10.39
N ILE B 413 7.41 -14.15 -9.64
CA ILE B 413 7.53 -15.60 -9.50
C ILE B 413 7.28 -16.30 -10.82
N GLU B 414 6.23 -15.90 -11.51
CA GLU B 414 5.91 -16.45 -12.82
C GLU B 414 7.08 -16.25 -13.80
N GLU B 415 7.65 -15.06 -13.78
CA GLU B 415 8.81 -14.75 -14.60
C GLU B 415 10.00 -15.62 -14.23
N GLU B 416 10.23 -15.77 -12.93
CA GLU B 416 11.33 -16.59 -12.42
C GLU B 416 11.13 -18.05 -12.78
N LEU B 417 9.88 -18.46 -12.92
CA LEU B 417 9.58 -19.84 -13.29
C LEU B 417 9.81 -20.03 -14.80
N GLY B 418 9.33 -19.10 -15.61
CA GLY B 418 9.55 -19.17 -17.05
C GLY B 418 8.75 -20.28 -17.70
N ASP B 419 9.43 -21.31 -18.20
CA ASP B 419 8.75 -22.41 -18.89
C ASP B 419 7.90 -23.27 -17.96
N GLU B 420 8.44 -23.57 -16.79
CA GLU B 420 7.73 -24.39 -15.79
C GLU B 420 6.51 -23.67 -15.20
N ALA B 421 6.29 -22.42 -15.61
CA ALA B 421 5.17 -21.62 -15.10
C ALA B 421 3.85 -22.02 -15.73
N ARG B 422 2.90 -22.42 -14.89
CA ARG B 422 1.57 -22.83 -15.35
C ARG B 422 0.47 -22.06 -14.62
N PHE B 423 -0.45 -21.49 -15.40
CA PHE B 423 -1.57 -20.73 -14.86
C PHE B 423 -2.74 -21.67 -14.60
N ALA B 424 -3.31 -21.59 -13.39
CA ALA B 424 -4.39 -22.48 -12.99
C ALA B 424 -5.61 -22.36 -13.89
N GLY B 425 -5.88 -21.15 -14.37
CA GLY B 425 -6.95 -20.90 -15.32
C GLY B 425 -8.32 -21.32 -14.83
N HIS B 426 -8.99 -22.13 -15.64
CA HIS B 426 -10.35 -22.59 -15.32
C HIS B 426 -10.32 -23.75 -14.31
N ASN B 427 -9.11 -24.14 -13.92
CA ASN B 427 -8.95 -25.23 -12.96
C ASN B 427 -8.52 -24.73 -11.59
N PHE B 428 -8.96 -23.52 -11.24
CA PHE B 428 -8.54 -22.88 -9.99
C PHE B 428 -9.04 -23.62 -8.75
N ARG B 429 -10.11 -24.38 -8.90
CA ARG B 429 -10.67 -25.14 -7.79
C ARG B 429 -9.84 -26.39 -7.51
N ASN B 430 -9.47 -27.11 -8.56
CA ASN B 430 -8.52 -28.21 -8.40
C ASN B 430 -7.38 -28.13 -9.43
N PRO B 431 -6.30 -27.44 -9.07
CA PRO B 431 -5.10 -27.38 -9.91
C PRO B 431 -4.34 -28.69 -9.89
N SER B 432 -4.78 -29.62 -9.04
CA SER B 432 -4.19 -30.95 -8.92
C SER B 432 -4.24 -31.69 -10.25
N VAL B 433 -5.30 -31.43 -11.02
CA VAL B 433 -5.55 -32.13 -12.28
C VAL B 433 -4.54 -31.73 -13.37
N LEU B 434 -3.74 -30.70 -13.10
CA LEU B 434 -2.76 -30.23 -14.06
C LEU B 434 -1.41 -30.92 -13.86
MG MG C . 2.16 19.17 -5.04
N01 6BM D . 2.21 16.31 -4.78
C02 6BM D . 2.32 14.96 -4.17
C03 6BM D . 1.29 13.92 -4.64
C04 6BM D . 0.07 14.53 -5.31
C05 6BM D . 0.46 15.47 -6.43
C06 6BM D . 1.29 16.53 -5.87
O07 6BM D . 3.00 17.28 -4.25
O08 6BM D . 1.29 17.73 -6.28
P09 6BM D . 1.22 14.55 -8.11
O10 6BM D . 0.01 14.18 -8.94
O11 6BM D . 2.10 15.61 -8.74
O12 6BM D . 1.97 13.39 -7.52
C1 PGE E . 15.78 -12.22 -15.88
O1 PGE E . 16.78 -12.24 -16.89
C2 PGE E . 16.44 -12.02 -14.53
O2 PGE E . 17.30 -13.10 -14.26
C3 PGE E . 17.68 -13.18 -12.89
C4 PGE E . 18.83 -14.15 -12.74
O4 PGE E . 23.45 -13.12 -12.61
C6 PGE E . 22.23 -13.02 -11.88
C5 PGE E . 21.17 -13.84 -12.58
O3 PGE E . 19.89 -13.49 -12.08
MG MG F . -14.28 -13.30 4.43
N01 6BM G . -11.92 -11.74 4.24
C02 6BM G . -10.71 -11.07 3.70
C03 6BM G . -10.50 -9.60 4.14
C04 6BM G . -11.76 -8.96 4.65
C05 6BM G . -12.37 -9.77 5.78
C06 6BM G . -12.71 -11.08 5.24
O07 6BM G . -12.21 -12.96 3.73
O08 6BM G . -13.72 -11.76 5.60
P09 6BM G . -11.23 -9.80 7.49
O10 6BM G . -11.43 -8.42 8.11
O11 6BM G . -9.82 -10.08 7.06
O12 6BM G . -11.90 -10.93 8.22
C1 PGE H . 22.34 -6.77 14.23
O1 PGE H . 22.66 -7.25 15.53
C2 PGE H . 21.42 -5.58 14.38
O2 PGE H . 20.49 -5.82 15.41
C3 PGE H . 19.16 -5.47 15.07
C4 PGE H . 18.71 -4.30 15.92
O4 PGE H . 19.03 -5.22 19.82
C6 PGE H . 18.74 -3.86 19.54
C5 PGE H . 18.14 -3.76 18.15
O3 PGE H . 18.81 -4.66 17.29
#